data_6MSN
#
_entry.id   6MSN
#
_cell.length_a   65.727
_cell.length_b   84.680
_cell.length_c   239.988
_cell.angle_alpha   90.00
_cell.angle_beta   90.00
_cell.angle_gamma   90.00
#
_symmetry.space_group_name_H-M   'P 21 21 21'
#
loop_
_entity.id
_entity.type
_entity.pdbx_description
1 polymer 'fumarate hydratase'
2 non-polymer 'IRON/SULFUR CLUSTER'
3 non-polymer '(2S)-2-sulfanylbutanedioic acid'
4 water water
#
_entity_poly.entity_id   1
_entity_poly.type   'polypeptide(L)'
_entity_poly.pdbx_seq_one_letter_code
;MGSSHHHHHHSSGLVPRGSHMASMTGGQQMGRGSEFMSLCDQCEIGCRRVGIKDIEDASAVNADFHFSAIFQPTDPHHHQ
TEFAKVEGSEKYVEEVEVFGRQALKVNPEALTILAHRAFSDVHHFFRKDHLEGWRRAIEDPEASDNDRYVATTLLKNACI
AAGRVLPSCQDTGTAIVLGKRGELCWTGGEDEKYLSKGIWNAYRYHNLRYSQTAALDMFKECNTGDNLPAQLDLLAVPGS
DYEFLFIAKGGGSANKAYLYQETKALLNPKSLRAFIEEKLKTLGTAACPPYHIALVIGGTSAEMTMKTVKLASCRYYDSL
PTTGDKYGRAFRDPEWEKIVMEVAQKSGIGAQFGGKYFAHQARVIRLPRHGASCPVGLAVSCSADRQILAHINKSGIYIE
QLEQNPAQYLPDIPEVHLSTTSVKVDLKRPIDKVRQQLSQYPVGTRVMLNGTLIVARDIAHAKIKEMMDNGEPLPEYMKT
SPIYYAGPAKTPEGYASGSFGPTTAGRMDSYVDLFQSHGGSYITLAKGNRSKQVTDACKKHGGFYLGSIGGPAAILAKDS
IKQVTCLAFPELGMEAVWKIEVEDFPAFIVVDDKGNDMYSKTLA
;
_entity_poly.pdbx_strand_id   A,B
#
# COMPACT_ATOMS: atom_id res chain seq x y z
N ASP A 64 12.51 17.22 26.93
CA ASP A 64 12.61 15.90 27.56
C ASP A 64 11.93 14.83 26.69
N PHE A 65 12.42 13.60 26.80
CA PHE A 65 11.91 12.49 26.02
C PHE A 65 10.57 12.01 26.56
N HIS A 66 9.60 11.83 25.65
CA HIS A 66 8.30 11.27 26.03
C HIS A 66 7.89 10.26 24.97
N PHE A 67 7.82 8.98 25.35
CA PHE A 67 7.39 7.96 24.43
C PHE A 67 5.87 7.99 24.30
N SER A 68 5.38 7.97 23.06
CA SER A 68 3.95 7.91 22.77
C SER A 68 3.74 6.88 21.68
N ALA A 69 3.10 5.76 22.02
CA ALA A 69 2.75 4.79 21.00
C ALA A 69 1.77 5.41 20.01
N ILE A 70 1.91 5.06 18.73
CA ILE A 70 1.01 5.61 17.73
C ILE A 70 -0.42 5.20 18.02
N PHE A 71 -0.63 3.92 18.36
CA PHE A 71 -1.97 3.37 18.57
C PHE A 71 -2.19 3.17 20.07
N GLN A 72 -3.20 3.85 20.62
CA GLN A 72 -3.51 3.82 22.04
C GLN A 72 -4.99 3.50 22.26
N PRO A 73 -5.44 2.30 21.87
CA PRO A 73 -6.84 1.94 22.09
C PRO A 73 -7.16 1.91 23.57
N THR A 74 -8.36 2.39 23.93
CA THR A 74 -8.80 2.29 25.31
C THR A 74 -9.24 0.88 25.69
N ASP A 75 -9.46 0.01 24.70
CA ASP A 75 -9.87 -1.38 24.93
C ASP A 75 -8.92 -2.29 24.16
N PRO A 76 -7.65 -2.33 24.56
CA PRO A 76 -6.65 -3.05 23.75
C PRO A 76 -6.88 -4.55 23.68
N HIS A 77 -7.52 -5.14 24.68
CA HIS A 77 -7.79 -6.56 24.70
C HIS A 77 -9.20 -6.89 24.24
N HIS A 78 -9.93 -5.89 23.75
CA HIS A 78 -11.26 -6.08 23.16
C HIS A 78 -12.25 -6.69 24.14
N HIS A 79 -12.28 -6.11 25.36
CA HIS A 79 -13.27 -6.51 26.35
C HIS A 79 -14.70 -6.25 25.90
N GLN A 80 -14.90 -5.30 24.98
CA GLN A 80 -16.24 -5.04 24.47
C GLN A 80 -16.78 -6.17 23.58
N THR A 81 -15.92 -7.11 23.19
CA THR A 81 -16.33 -8.24 22.37
C THR A 81 -16.66 -9.43 23.28
N GLU A 82 -17.69 -10.17 22.90
CA GLU A 82 -18.06 -11.39 23.62
C GLU A 82 -17.24 -12.56 23.12
N PHE A 83 -16.68 -13.33 24.05
CA PHE A 83 -15.85 -14.49 23.72
C PHE A 83 -16.46 -15.74 24.33
N ALA A 84 -16.26 -16.87 23.64
CA ALA A 84 -16.59 -18.19 24.16
C ALA A 84 -15.31 -18.97 24.42
N LYS A 85 -15.30 -19.75 25.50
CA LYS A 85 -14.14 -20.59 25.80
C LYS A 85 -14.27 -21.91 25.05
N VAL A 86 -13.18 -22.33 24.43
CA VAL A 86 -13.12 -23.68 23.85
C VAL A 86 -13.08 -24.66 25.01
N GLU A 87 -14.08 -25.55 25.08
CA GLU A 87 -14.24 -26.42 26.24
C GLU A 87 -12.98 -27.27 26.46
N GLY A 88 -12.53 -27.32 27.71
CA GLY A 88 -11.37 -28.10 28.09
C GLY A 88 -10.03 -27.55 27.65
N SER A 89 -9.98 -26.39 27.01
CA SER A 89 -8.75 -25.90 26.41
C SER A 89 -7.71 -25.43 27.42
N GLU A 90 -8.06 -25.34 28.71
CA GLU A 90 -7.04 -25.04 29.70
C GLU A 90 -5.97 -26.12 29.77
N LYS A 91 -6.24 -27.30 29.23
CA LYS A 91 -5.24 -28.36 29.21
C LYS A 91 -4.04 -28.02 28.32
N TYR A 92 -4.15 -27.00 27.47
CA TYR A 92 -3.08 -26.65 26.55
C TYR A 92 -2.13 -25.58 27.09
N VAL A 93 -2.36 -25.07 28.30
CA VAL A 93 -1.55 -23.99 28.85
C VAL A 93 -1.10 -24.35 30.25
N GLU A 94 0.01 -23.75 30.67
CA GLU A 94 0.56 -23.94 32.01
C GLU A 94 1.26 -22.65 32.43
N GLU A 95 0.88 -22.14 33.60
CA GLU A 95 1.54 -20.96 34.16
C GLU A 95 2.82 -21.36 34.88
N VAL A 96 3.90 -20.63 34.60
CA VAL A 96 5.19 -20.87 35.23
C VAL A 96 5.79 -19.53 35.61
N GLU A 97 6.89 -19.58 36.37
CA GLU A 97 7.61 -18.39 36.76
C GLU A 97 9.09 -18.63 36.53
N VAL A 98 9.72 -17.71 35.80
N VAL A 98 9.71 -17.77 35.72
CA VAL A 98 11.13 -17.79 35.44
CA VAL A 98 11.15 -17.82 35.51
C VAL A 98 11.75 -16.41 35.64
C VAL A 98 11.70 -16.41 35.74
N PHE A 99 12.85 -16.34 36.39
CA PHE A 99 13.51 -15.07 36.72
C PHE A 99 12.53 -14.07 37.34
N GLY A 100 11.63 -14.58 38.18
CA GLY A 100 10.69 -13.73 38.88
C GLY A 100 9.53 -13.26 38.04
N ARG A 101 9.42 -13.70 36.79
CA ARG A 101 8.40 -13.18 35.89
C ARG A 101 7.43 -14.29 35.50
N GLN A 102 6.17 -13.93 35.37
CA GLN A 102 5.13 -14.89 35.02
C GLN A 102 5.16 -15.17 33.53
N ALA A 103 5.16 -16.45 33.18
CA ALA A 103 5.18 -16.87 31.79
C ALA A 103 4.11 -17.92 31.57
N LEU A 104 3.77 -18.15 30.31
CA LEU A 104 2.74 -19.10 29.94
C LEU A 104 3.32 -20.05 28.90
N LYS A 105 3.37 -21.33 29.24
CA LYS A 105 3.71 -22.36 28.26
C LYS A 105 2.44 -22.75 27.52
N VAL A 106 2.47 -22.67 26.20
CA VAL A 106 1.33 -22.97 25.35
C VAL A 106 1.69 -24.13 24.44
N ASN A 107 0.96 -25.23 24.55
CA ASN A 107 1.08 -26.33 23.59
C ASN A 107 0.70 -25.79 22.21
N PRO A 108 1.60 -25.87 21.21
CA PRO A 108 1.28 -25.29 19.90
C PRO A 108 0.08 -25.93 19.22
N GLU A 109 -0.35 -27.12 19.65
CA GLU A 109 -1.60 -27.68 19.15
C GLU A 109 -2.77 -26.73 19.41
N ALA A 110 -2.68 -25.89 20.45
CA ALA A 110 -3.71 -24.88 20.69
C ALA A 110 -3.85 -23.94 19.50
N LEU A 111 -2.73 -23.62 18.82
CA LEU A 111 -2.79 -22.76 17.64
C LEU A 111 -3.54 -23.43 16.49
N THR A 112 -3.32 -24.74 16.33
CA THR A 112 -4.04 -25.49 15.29
C THR A 112 -5.53 -25.53 15.60
N ILE A 113 -5.88 -25.85 16.85
N ILE A 113 -5.88 -25.84 16.85
CA ILE A 113 -7.30 -25.91 17.23
CA ILE A 113 -7.28 -25.91 17.26
C ILE A 113 -7.97 -24.56 17.03
C ILE A 113 -7.96 -24.57 17.05
N LEU A 114 -7.31 -23.49 17.46
CA LEU A 114 -7.91 -22.16 17.36
C LEU A 114 -8.11 -21.74 15.91
N ALA A 115 -7.07 -21.90 15.07
CA ALA A 115 -7.19 -21.50 13.68
C ALA A 115 -8.26 -22.30 12.96
N HIS A 116 -8.36 -23.60 13.27
N HIS A 116 -8.36 -23.60 13.27
CA HIS A 116 -9.38 -24.44 12.64
CA HIS A 116 -9.38 -24.41 12.62
C HIS A 116 -10.79 -23.96 12.99
C HIS A 116 -10.79 -23.93 12.99
N ARG A 117 -11.02 -23.65 14.26
CA ARG A 117 -12.35 -23.18 14.66
C ARG A 117 -12.62 -21.80 14.08
N ALA A 118 -11.63 -20.92 14.08
CA ALA A 118 -11.82 -19.57 13.56
C ALA A 118 -12.24 -19.59 12.09
N PHE A 119 -11.52 -20.34 11.27
CA PHE A 119 -11.81 -20.36 9.85
C PHE A 119 -12.90 -21.35 9.48
N SER A 120 -13.55 -21.94 10.48
CA SER A 120 -14.81 -22.62 10.28
C SER A 120 -15.99 -21.73 10.66
N ASP A 121 -15.96 -21.15 11.86
CA ASP A 121 -17.05 -20.30 12.34
C ASP A 121 -17.27 -19.11 11.42
N VAL A 122 -16.20 -18.49 10.93
CA VAL A 122 -16.32 -17.21 10.27
C VAL A 122 -17.04 -17.32 8.92
N HIS A 123 -17.15 -18.52 8.36
CA HIS A 123 -17.82 -18.70 7.08
C HIS A 123 -19.31 -18.96 7.21
N HIS A 124 -19.82 -19.01 8.44
CA HIS A 124 -21.23 -19.33 8.63
C HIS A 124 -21.98 -18.31 9.49
N PHE A 125 -21.29 -17.36 10.10
CA PHE A 125 -21.91 -16.41 11.02
C PHE A 125 -21.28 -15.05 10.84
N PHE A 126 -22.02 -14.02 11.27
CA PHE A 126 -21.60 -12.63 11.12
C PHE A 126 -21.69 -11.92 12.47
N ARG A 127 -21.03 -10.75 12.52
CA ARG A 127 -21.13 -9.88 13.68
C ARG A 127 -22.46 -9.14 13.69
N LYS A 128 -22.85 -8.70 14.89
CA LYS A 128 -24.10 -7.96 15.04
C LYS A 128 -24.10 -6.65 14.25
N ASP A 129 -22.96 -5.93 14.21
CA ASP A 129 -23.00 -4.64 13.52
C ASP A 129 -23.18 -4.81 12.02
N HIS A 130 -22.73 -5.93 11.45
CA HIS A 130 -22.97 -6.23 10.05
C HIS A 130 -24.43 -6.56 9.80
N LEU A 131 -25.00 -7.44 10.62
CA LEU A 131 -26.40 -7.82 10.46
C LEU A 131 -27.33 -6.65 10.71
N GLU A 132 -27.04 -5.83 11.72
CA GLU A 132 -27.83 -4.63 11.97
C GLU A 132 -27.84 -3.70 10.77
N GLY A 133 -26.74 -3.64 10.00
CA GLY A 133 -26.70 -2.79 8.83
C GLY A 133 -27.67 -3.26 7.75
N TRP A 134 -27.77 -4.57 7.56
CA TRP A 134 -28.74 -5.10 6.59
C TRP A 134 -30.17 -4.84 7.07
N ARG A 135 -30.43 -4.98 8.37
CA ARG A 135 -31.75 -4.68 8.88
C ARG A 135 -32.10 -3.21 8.68
N ARG A 136 -31.12 -2.32 8.90
N ARG A 136 -31.11 -2.33 8.88
CA ARG A 136 -31.33 -0.90 8.66
CA ARG A 136 -31.33 -0.90 8.68
C ARG A 136 -31.75 -0.64 7.23
C ARG A 136 -31.72 -0.61 7.22
N ALA A 137 -31.08 -1.29 6.28
CA ALA A 137 -31.41 -1.11 4.86
C ALA A 137 -32.82 -1.61 4.54
N ILE A 138 -33.35 -2.54 5.33
CA ILE A 138 -34.72 -3.00 5.10
C ILE A 138 -35.73 -2.05 5.72
N GLU A 139 -35.44 -1.55 6.92
CA GLU A 139 -36.43 -0.81 7.70
C GLU A 139 -36.40 0.71 7.47
N ASP A 140 -35.33 1.25 6.91
CA ASP A 140 -35.21 2.69 6.71
C ASP A 140 -36.16 3.16 5.61
N PRO A 141 -37.09 4.08 5.90
CA PRO A 141 -37.94 4.60 4.82
C PRO A 141 -37.14 5.20 3.68
N GLU A 142 -35.93 5.70 3.94
CA GLU A 142 -35.11 6.29 2.90
C GLU A 142 -34.36 5.26 2.06
N ALA A 143 -34.36 4.00 2.46
CA ALA A 143 -33.77 2.98 1.61
C ALA A 143 -34.59 2.84 0.33
N SER A 144 -33.90 2.61 -0.78
CA SER A 144 -34.60 2.35 -2.03
C SER A 144 -35.21 0.96 -2.01
N ASP A 145 -36.15 0.72 -2.95
CA ASP A 145 -36.70 -0.63 -3.09
C ASP A 145 -35.58 -1.64 -3.36
N ASN A 146 -34.61 -1.27 -4.20
CA ASN A 146 -33.51 -2.20 -4.47
C ASN A 146 -32.62 -2.39 -3.25
N ASP A 147 -32.40 -1.33 -2.47
CA ASP A 147 -31.68 -1.48 -1.19
C ASP A 147 -32.31 -2.58 -0.34
N ARG A 148 -33.63 -2.49 -0.16
CA ARG A 148 -34.34 -3.46 0.68
C ARG A 148 -34.27 -4.86 0.09
N TYR A 149 -34.38 -4.96 -1.23
CA TYR A 149 -34.34 -6.26 -1.88
C TYR A 149 -32.96 -6.91 -1.70
N VAL A 150 -31.90 -6.14 -1.91
CA VAL A 150 -30.55 -6.68 -1.78
C VAL A 150 -30.26 -7.08 -0.33
N ALA A 151 -30.61 -6.21 0.62
CA ALA A 151 -30.34 -6.51 2.02
C ALA A 151 -31.15 -7.72 2.49
N THR A 152 -32.40 -7.84 2.03
CA THR A 152 -33.18 -9.03 2.37
C THR A 152 -32.52 -10.29 1.82
N THR A 153 -32.03 -10.22 0.57
CA THR A 153 -31.38 -11.39 -0.02
C THR A 153 -30.14 -11.77 0.78
N LEU A 154 -29.35 -10.78 1.19
CA LEU A 154 -28.13 -11.07 1.93
C LEU A 154 -28.44 -11.64 3.31
N LEU A 155 -29.50 -11.16 3.95
CA LEU A 155 -29.89 -11.72 5.24
C LEU A 155 -30.38 -13.16 5.09
N LYS A 156 -31.18 -13.44 4.05
CA LYS A 156 -31.61 -14.81 3.79
C LYS A 156 -30.42 -15.71 3.50
N ASN A 157 -29.43 -15.19 2.78
CA ASN A 157 -28.20 -15.94 2.54
C ASN A 157 -27.51 -16.27 3.86
N ALA A 158 -27.43 -15.30 4.77
CA ALA A 158 -26.81 -15.55 6.07
C ALA A 158 -27.57 -16.61 6.85
N CYS A 159 -28.90 -16.67 6.72
CA CYS A 159 -29.66 -17.70 7.41
C CYS A 159 -29.31 -19.08 6.88
N ILE A 160 -29.10 -19.21 5.57
N ILE A 160 -29.06 -19.21 5.59
CA ILE A 160 -28.66 -20.48 5.00
CA ILE A 160 -28.68 -20.51 5.03
C ILE A 160 -27.28 -20.83 5.49
C ILE A 160 -27.25 -20.86 5.43
N ALA A 161 -26.34 -19.87 5.45
CA ALA A 161 -24.98 -20.12 5.88
C ALA A 161 -24.93 -20.55 7.35
N ALA A 162 -25.84 -20.05 8.17
CA ALA A 162 -25.87 -20.43 9.59
C ALA A 162 -26.18 -21.91 9.80
N GLY A 163 -26.62 -22.62 8.76
CA GLY A 163 -26.79 -24.06 8.84
C GLY A 163 -25.50 -24.85 8.89
N ARG A 164 -24.35 -24.18 8.74
CA ARG A 164 -23.01 -24.73 8.90
C ARG A 164 -22.62 -25.71 7.79
N VAL A 165 -23.35 -25.74 6.68
CA VAL A 165 -23.00 -26.60 5.55
C VAL A 165 -22.41 -25.77 4.42
N LEU A 166 -23.16 -24.76 3.95
CA LEU A 166 -22.70 -23.89 2.88
C LEU A 166 -22.06 -22.63 3.44
N PRO A 167 -20.89 -22.23 2.96
CA PRO A 167 -20.31 -20.95 3.41
C PRO A 167 -21.08 -19.78 2.83
N SER A 168 -20.99 -18.64 3.54
CA SER A 168 -21.78 -17.47 3.14
C SER A 168 -21.39 -16.96 1.75
N CYS A 169 -20.14 -17.12 1.35
CA CYS A 169 -19.73 -16.74 0.00
C CYS A 169 -18.90 -17.85 -0.63
N GLN A 170 -18.98 -17.96 -1.97
CA GLN A 170 -18.16 -18.96 -2.66
C GLN A 170 -16.68 -18.64 -2.55
N ASP A 171 -16.33 -17.36 -2.41
N ASP A 171 -16.31 -17.37 -2.49
CA ASP A 171 -14.96 -16.93 -2.16
CA ASP A 171 -14.91 -17.06 -2.21
C ASP A 171 -14.70 -17.02 -0.66
C ASP A 171 -14.73 -17.07 -0.70
N THR A 172 -14.18 -18.16 -0.21
CA THR A 172 -13.87 -18.30 1.20
C THR A 172 -12.56 -17.61 1.57
N GLY A 173 -11.95 -16.90 0.63
CA GLY A 173 -10.99 -15.86 0.93
C GLY A 173 -9.57 -16.34 1.13
N THR A 174 -8.71 -15.35 1.38
CA THR A 174 -7.35 -15.58 1.86
C THR A 174 -7.39 -15.66 3.38
N ALA A 175 -6.66 -16.64 3.94
CA ALA A 175 -6.58 -16.78 5.39
C ALA A 175 -5.51 -15.82 5.91
N ILE A 176 -5.91 -14.86 6.73
CA ILE A 176 -5.00 -13.88 7.31
C ILE A 176 -5.04 -14.04 8.83
N VAL A 177 -3.86 -14.09 9.46
CA VAL A 177 -3.75 -14.14 10.91
C VAL A 177 -2.89 -12.97 11.37
N LEU A 178 -3.48 -12.09 12.18
CA LEU A 178 -2.71 -11.13 12.96
C LEU A 178 -2.57 -11.70 14.35
N GLY A 179 -1.34 -12.01 14.75
CA GLY A 179 -1.07 -12.56 16.06
C GLY A 179 -0.20 -11.62 16.86
N LYS A 180 -0.43 -11.60 18.18
CA LYS A 180 0.35 -10.77 19.10
C LYS A 180 0.83 -11.69 20.21
N ARG A 181 2.07 -12.16 20.11
CA ARG A 181 2.61 -13.10 21.07
C ARG A 181 3.38 -12.36 22.16
N GLY A 182 2.97 -12.54 23.40
CA GLY A 182 3.68 -11.91 24.50
C GLY A 182 5.11 -12.40 24.61
N GLU A 183 5.97 -11.50 25.12
CA GLU A 183 7.37 -11.82 25.38
C GLU A 183 7.52 -13.14 26.13
N LEU A 184 6.64 -13.40 27.09
CA LEU A 184 6.74 -14.59 27.94
C LEU A 184 5.65 -15.60 27.63
N CYS A 185 5.12 -15.58 26.41
CA CYS A 185 4.21 -16.61 25.91
C CYS A 185 5.07 -17.57 25.08
N TRP A 186 5.25 -18.80 25.58
CA TRP A 186 6.21 -19.73 24.98
C TRP A 186 5.45 -20.87 24.31
N THR A 187 5.52 -20.90 22.98
CA THR A 187 4.81 -21.86 22.15
C THR A 187 5.70 -22.95 21.61
N GLY A 188 7.02 -22.84 21.77
CA GLY A 188 7.94 -23.67 21.04
C GLY A 188 8.42 -23.04 19.74
N GLY A 189 7.76 -21.98 19.27
CA GLY A 189 8.25 -21.19 18.16
C GLY A 189 7.80 -21.60 16.78
N GLU A 190 7.14 -22.74 16.64
CA GLU A 190 6.65 -23.20 15.34
C GLU A 190 5.25 -22.70 15.03
N ASP A 191 4.95 -21.46 15.42
CA ASP A 191 3.60 -20.93 15.33
C ASP A 191 3.06 -20.96 13.91
N GLU A 192 3.88 -20.57 12.93
CA GLU A 192 3.40 -20.50 11.56
C GLU A 192 2.94 -21.86 11.05
N LYS A 193 3.69 -22.91 11.36
CA LYS A 193 3.30 -24.25 10.90
C LYS A 193 2.02 -24.70 11.57
N TYR A 194 1.89 -24.50 12.89
CA TYR A 194 0.71 -25.00 13.59
C TYR A 194 -0.53 -24.18 13.23
N LEU A 195 -0.39 -22.87 13.08
CA LEU A 195 -1.52 -22.09 12.58
C LEU A 195 -1.92 -22.53 11.18
N SER A 196 -0.92 -22.78 10.32
CA SER A 196 -1.22 -23.19 8.95
C SER A 196 -1.92 -24.53 8.91
N LYS A 197 -1.57 -25.44 9.82
CA LYS A 197 -2.24 -26.74 9.86
C LYS A 197 -3.71 -26.59 10.22
N GLY A 198 -4.02 -25.70 11.16
CA GLY A 198 -5.41 -25.45 11.49
C GLY A 198 -6.18 -24.84 10.34
N ILE A 199 -5.56 -23.91 9.63
CA ILE A 199 -6.19 -23.34 8.43
C ILE A 199 -6.40 -24.42 7.38
N TRP A 200 -5.35 -25.24 7.16
CA TRP A 200 -5.44 -26.35 6.23
C TRP A 200 -6.61 -27.26 6.57
N ASN A 201 -6.76 -27.60 7.87
CA ASN A 201 -7.87 -28.43 8.31
C ASN A 201 -9.21 -27.80 7.96
N ALA A 202 -9.36 -26.50 8.22
CA ALA A 202 -10.62 -25.82 7.99
C ALA A 202 -11.01 -25.86 6.52
N TYR A 203 -10.07 -25.58 5.63
CA TYR A 203 -10.41 -25.55 4.21
C TYR A 203 -10.48 -26.94 3.59
N ARG A 204 -9.75 -27.91 4.16
CA ARG A 204 -9.77 -29.26 3.59
C ARG A 204 -11.04 -30.03 3.95
N TYR A 205 -11.48 -29.95 5.20
CA TYR A 205 -12.54 -30.82 5.69
C TYR A 205 -13.90 -30.13 5.77
N HIS A 206 -14.01 -28.91 5.28
CA HIS A 206 -15.28 -28.20 5.18
C HIS A 206 -15.51 -27.82 3.72
N ASN A 207 -16.74 -27.37 3.43
CA ASN A 207 -17.14 -27.11 2.05
C ASN A 207 -16.72 -25.71 1.62
N LEU A 208 -15.42 -25.44 1.74
CA LEU A 208 -14.88 -24.13 1.38
C LEU A 208 -14.23 -24.22 -0.01
N ARG A 209 -13.31 -23.31 -0.31
CA ARG A 209 -12.74 -23.23 -1.64
C ARG A 209 -11.23 -23.02 -1.57
N TYR A 210 -10.51 -23.63 -2.49
CA TYR A 210 -9.07 -23.43 -2.61
C TYR A 210 -8.86 -22.28 -3.60
N SER A 211 -8.48 -21.12 -3.08
CA SER A 211 -8.46 -19.89 -3.87
C SER A 211 -7.06 -19.35 -4.13
N GLN A 212 -6.01 -19.98 -3.62
CA GLN A 212 -4.66 -19.42 -3.74
C GLN A 212 -3.95 -19.95 -4.98
N THR A 213 -3.25 -19.05 -5.67
CA THR A 213 -2.62 -19.31 -6.95
C THR A 213 -1.11 -19.16 -6.81
N ALA A 214 -0.39 -20.27 -6.98
CA ALA A 214 1.07 -20.28 -6.92
C ALA A 214 1.68 -19.92 -8.26
N ALA A 215 2.78 -19.17 -8.21
CA ALA A 215 3.54 -18.82 -9.40
C ALA A 215 4.69 -19.80 -9.56
N LEU A 216 4.61 -20.68 -10.56
CA LEU A 216 5.73 -21.57 -10.85
C LEU A 216 6.88 -20.81 -11.49
N ASP A 217 6.56 -19.86 -12.37
CA ASP A 217 7.49 -18.82 -12.78
C ASP A 217 6.67 -17.54 -12.86
N MET A 218 7.20 -16.51 -13.52
CA MET A 218 6.52 -15.22 -13.52
C MET A 218 5.10 -15.34 -14.03
N PHE A 219 4.87 -16.21 -15.03
CA PHE A 219 3.56 -16.28 -15.67
C PHE A 219 2.87 -17.63 -15.54
N LYS A 220 3.60 -18.71 -15.32
CA LYS A 220 2.98 -20.04 -15.19
C LYS A 220 2.45 -20.22 -13.78
N GLU A 221 1.16 -20.54 -13.66
CA GLU A 221 0.50 -20.59 -12.36
C GLU A 221 -0.24 -21.90 -12.17
N CYS A 222 -0.47 -22.25 -10.91
CA CYS A 222 -1.32 -23.39 -10.56
C CYS A 222 -1.99 -23.08 -9.23
N ASN A 223 -3.16 -23.67 -9.04
CA ASN A 223 -3.82 -23.57 -7.74
C ASN A 223 -3.04 -24.41 -6.72
N THR A 224 -2.87 -23.89 -5.51
CA THR A 224 -2.15 -24.67 -4.52
C THR A 224 -2.98 -25.85 -3.99
N GLY A 225 -4.29 -25.84 -4.23
CA GLY A 225 -5.12 -26.97 -3.86
C GLY A 225 -5.45 -27.10 -2.39
N ASP A 226 -5.09 -26.11 -1.56
CA ASP A 226 -5.42 -26.22 -0.13
C ASP A 226 -5.66 -24.87 0.53
N ASN A 227 -5.77 -23.79 -0.25
CA ASN A 227 -5.92 -22.41 0.22
C ASN A 227 -4.75 -21.94 1.08
N LEU A 228 -3.60 -22.59 0.99
CA LEU A 228 -2.36 -22.04 1.51
C LEU A 228 -1.54 -21.47 0.37
N PRO A 229 -0.60 -20.54 0.65
CA PRO A 229 -0.19 -20.04 1.97
C PRO A 229 -1.15 -19.02 2.56
N ALA A 230 -1.13 -18.96 3.88
CA ALA A 230 -1.79 -17.92 4.64
C ALA A 230 -0.86 -16.72 4.79
N GLN A 231 -1.45 -15.59 5.11
CA GLN A 231 -0.70 -14.40 5.53
C GLN A 231 -0.60 -14.44 7.05
N LEU A 232 0.62 -14.63 7.58
CA LEU A 232 0.82 -14.82 9.02
C LEU A 232 1.66 -13.66 9.54
N ASP A 233 0.99 -12.68 10.16
N ASP A 233 1.00 -12.69 10.19
CA ASP A 233 1.64 -11.51 10.74
CA ASP A 233 1.67 -11.50 10.73
C ASP A 233 1.66 -11.71 12.26
C ASP A 233 1.69 -11.64 12.25
N LEU A 234 2.79 -12.17 12.78
CA LEU A 234 2.92 -12.48 14.20
C LEU A 234 3.84 -11.45 14.83
N LEU A 235 3.29 -10.66 15.76
CA LEU A 235 3.98 -9.53 16.36
C LEU A 235 4.46 -9.87 17.76
N ALA A 236 5.55 -9.24 18.17
CA ALA A 236 6.11 -9.38 19.51
C ALA A 236 5.59 -8.25 20.38
N VAL A 237 4.93 -8.59 21.49
CA VAL A 237 4.27 -7.62 22.35
C VAL A 237 4.60 -7.93 23.81
N PRO A 238 4.26 -7.04 24.76
CA PRO A 238 4.49 -7.37 26.17
C PRO A 238 3.54 -8.45 26.69
N GLY A 239 3.95 -9.05 27.80
CA GLY A 239 3.08 -9.95 28.53
C GLY A 239 3.32 -11.42 28.24
N SER A 240 2.33 -12.23 28.60
CA SER A 240 2.45 -13.68 28.46
C SER A 240 1.26 -14.31 27.75
N ASP A 241 0.39 -13.52 27.14
CA ASP A 241 -0.77 -14.04 26.43
C ASP A 241 -0.50 -14.07 24.92
N TYR A 242 -1.47 -14.59 24.17
CA TYR A 242 -1.40 -14.63 22.72
C TYR A 242 -2.75 -14.14 22.21
N GLU A 243 -2.77 -13.01 21.52
CA GLU A 243 -4.00 -12.42 21.02
C GLU A 243 -4.01 -12.45 19.50
N PHE A 244 -5.22 -12.60 18.93
CA PHE A 244 -5.36 -12.84 17.50
C PHE A 244 -6.49 -12.04 16.90
N LEU A 245 -6.33 -11.68 15.63
CA LEU A 245 -7.44 -11.34 14.74
C LEU A 245 -7.30 -12.22 13.51
N PHE A 246 -8.31 -13.06 13.26
CA PHE A 246 -8.34 -13.90 12.06
C PHE A 246 -9.26 -13.24 11.04
N ILE A 247 -8.81 -13.19 9.79
CA ILE A 247 -9.59 -12.60 8.71
C ILE A 247 -9.65 -13.59 7.55
N ALA A 248 -10.86 -13.87 7.06
CA ALA A 248 -11.04 -14.61 5.82
C ALA A 248 -11.40 -13.56 4.77
N LYS A 249 -10.40 -13.09 4.05
CA LYS A 249 -10.52 -11.88 3.26
C LYS A 249 -10.86 -12.22 1.81
N GLY A 250 -12.02 -11.75 1.35
CA GLY A 250 -12.40 -11.97 -0.04
C GLY A 250 -11.44 -11.31 -1.00
N GLY A 251 -11.27 -11.94 -2.16
CA GLY A 251 -10.35 -11.40 -3.16
C GLY A 251 -10.82 -10.07 -3.72
N GLY A 252 -12.11 -9.96 -4.04
CA GLY A 252 -12.60 -8.73 -4.66
C GLY A 252 -12.64 -7.55 -3.73
N SER A 253 -12.86 -7.79 -2.43
CA SER A 253 -12.75 -6.70 -1.48
C SER A 253 -11.29 -6.38 -1.17
N ALA A 254 -10.42 -7.38 -1.18
CA ALA A 254 -8.99 -7.10 -1.08
C ALA A 254 -8.52 -6.23 -2.24
N ASN A 255 -9.12 -6.41 -3.42
CA ASN A 255 -8.76 -5.60 -4.59
C ASN A 255 -9.19 -4.16 -4.45
N LYS A 256 -10.16 -3.89 -3.59
CA LYS A 256 -10.60 -2.52 -3.32
C LYS A 256 -9.90 -1.94 -2.11
N ALA A 257 -8.62 -2.25 -1.96
CA ALA A 257 -7.74 -1.58 -1.01
C ALA A 257 -6.81 -0.71 -1.85
N TYR A 258 -6.95 0.61 -1.71
CA TYR A 258 -6.28 1.57 -2.58
C TYR A 258 -5.35 2.43 -1.78
N LEU A 259 -4.19 2.74 -2.37
CA LEU A 259 -3.21 3.63 -1.78
C LEU A 259 -3.07 4.87 -2.64
N TYR A 260 -3.19 6.05 -2.02
CA TYR A 260 -2.97 7.31 -2.73
C TYR A 260 -1.80 8.03 -2.10
N GLN A 261 -0.97 8.65 -2.94
CA GLN A 261 0.14 9.45 -2.45
C GLN A 261 -0.24 10.91 -2.66
N GLU A 262 -0.65 11.56 -1.56
CA GLU A 262 -1.22 12.90 -1.62
C GLU A 262 -0.28 13.89 -0.95
N THR A 263 -0.75 15.12 -0.76
CA THR A 263 0.07 16.19 -0.23
C THR A 263 -0.73 17.04 0.75
N LYS A 264 -0.02 17.97 1.39
CA LYS A 264 -0.63 18.97 2.26
C LYS A 264 -1.76 19.73 1.56
N ALA A 265 -1.72 19.82 0.22
CA ALA A 265 -2.79 20.53 -0.49
C ALA A 265 -4.14 19.85 -0.34
N LEU A 266 -4.14 18.55 0.01
CA LEU A 266 -5.39 17.85 0.27
C LEU A 266 -5.99 18.19 1.63
N LEU A 267 -5.16 18.66 2.57
CA LEU A 267 -5.55 18.70 3.99
C LEU A 267 -6.26 20.02 4.32
N ASN A 268 -7.43 20.17 3.70
CA ASN A 268 -8.38 21.22 4.06
C ASN A 268 -9.78 20.68 3.79
N PRO A 269 -10.82 21.24 4.44
CA PRO A 269 -12.15 20.63 4.35
C PRO A 269 -12.69 20.49 2.93
N LYS A 270 -12.54 21.52 2.10
N LYS A 270 -12.53 21.51 2.09
CA LYS A 270 -13.07 21.46 0.74
CA LYS A 270 -13.07 21.46 0.73
C LYS A 270 -12.36 20.38 -0.09
C LYS A 270 -12.35 20.40 -0.10
N SER A 271 -11.03 20.37 -0.04
CA SER A 271 -10.27 19.39 -0.84
C SER A 271 -10.53 17.97 -0.37
N LEU A 272 -10.58 17.75 0.95
CA LEU A 272 -10.76 16.39 1.44
C LEU A 272 -12.15 15.88 1.10
N ARG A 273 -13.17 16.73 1.24
CA ARG A 273 -14.52 16.30 0.91
C ARG A 273 -14.62 15.91 -0.56
N ALA A 274 -14.04 16.71 -1.46
CA ALA A 274 -14.09 16.39 -2.88
C ALA A 274 -13.31 15.12 -3.18
N PHE A 275 -12.18 14.94 -2.50
CA PHE A 275 -11.39 13.72 -2.65
C PHE A 275 -12.20 12.49 -2.27
N ILE A 276 -12.91 12.56 -1.13
CA ILE A 276 -13.70 11.42 -0.68
C ILE A 276 -14.78 11.08 -1.69
N GLU A 277 -15.47 12.11 -2.19
CA GLU A 277 -16.53 11.90 -3.18
C GLU A 277 -15.97 11.21 -4.43
N GLU A 278 -14.81 11.66 -4.90
CA GLU A 278 -14.19 11.08 -6.09
C GLU A 278 -13.78 9.62 -5.85
N LYS A 279 -13.12 9.35 -4.72
CA LYS A 279 -12.54 8.02 -4.54
C LYS A 279 -13.58 6.97 -4.19
N LEU A 280 -14.63 7.34 -3.46
N LEU A 280 -14.64 7.35 -3.46
CA LEU A 280 -15.67 6.36 -3.13
CA LEU A 280 -15.67 6.36 -3.14
C LEU A 280 -16.32 5.81 -4.40
C LEU A 280 -16.32 5.81 -4.40
N LYS A 281 -16.48 6.66 -5.42
N LYS A 281 -16.50 6.66 -5.42
CA LYS A 281 -17.08 6.20 -6.67
CA LYS A 281 -17.08 6.18 -6.68
C LYS A 281 -16.21 5.15 -7.34
C LYS A 281 -16.21 5.13 -7.34
N THR A 282 -14.88 5.20 -7.15
CA THR A 282 -14.00 4.22 -7.76
C THR A 282 -14.12 2.86 -7.10
N LEU A 283 -14.70 2.78 -5.90
CA LEU A 283 -15.04 1.47 -5.35
C LEU A 283 -16.15 0.81 -6.14
N GLY A 284 -17.08 1.62 -6.66
CA GLY A 284 -18.21 1.09 -7.40
C GLY A 284 -18.97 0.06 -6.58
N THR A 285 -19.63 -0.85 -7.29
CA THR A 285 -20.29 -1.98 -6.67
C THR A 285 -19.49 -3.26 -6.81
N ALA A 286 -18.20 -3.15 -7.13
CA ALA A 286 -17.40 -4.31 -7.50
C ALA A 286 -17.00 -5.18 -6.32
N ALA A 287 -17.22 -4.73 -5.07
CA ALA A 287 -16.92 -5.55 -3.90
C ALA A 287 -18.16 -5.77 -3.03
N CYS A 288 -19.33 -5.89 -3.66
CA CYS A 288 -20.56 -6.32 -3.01
C CYS A 288 -20.94 -5.45 -1.81
N PRO A 289 -21.27 -4.18 -2.02
CA PRO A 289 -21.78 -3.35 -0.92
C PRO A 289 -23.13 -3.87 -0.44
N PRO A 290 -23.66 -3.38 0.70
CA PRO A 290 -23.15 -2.31 1.58
C PRO A 290 -21.76 -2.57 2.15
N TYR A 291 -20.93 -1.52 2.14
CA TYR A 291 -19.55 -1.59 2.58
C TYR A 291 -19.40 -1.12 4.02
N HIS A 292 -18.46 -1.72 4.73
CA HIS A 292 -17.77 -1.04 5.83
C HIS A 292 -16.62 -0.28 5.20
N ILE A 293 -16.70 1.04 5.18
CA ILE A 293 -15.71 1.88 4.50
C ILE A 293 -14.69 2.35 5.51
N ALA A 294 -13.41 2.14 5.21
CA ALA A 294 -12.32 2.61 6.05
C ALA A 294 -11.44 3.57 5.26
N LEU A 295 -11.08 4.69 5.88
CA LEU A 295 -10.25 5.73 5.28
C LEU A 295 -9.18 6.12 6.28
N VAL A 296 -7.92 6.07 5.85
CA VAL A 296 -6.79 6.40 6.71
C VAL A 296 -6.04 7.55 6.05
N ILE A 297 -5.91 8.66 6.77
N ILE A 297 -5.90 8.65 6.77
CA ILE A 297 -5.24 9.86 6.28
CA ILE A 297 -5.22 9.85 6.25
C ILE A 297 -3.90 9.94 7.01
C ILE A 297 -3.91 9.99 7.00
N GLY A 298 -2.81 9.83 6.27
CA GLY A 298 -1.48 9.87 6.85
C GLY A 298 -0.92 8.49 7.08
N GLY A 299 0.24 8.46 7.73
CA GLY A 299 0.92 7.22 8.04
C GLY A 299 2.43 7.37 7.89
N THR A 300 3.16 6.47 8.55
CA THR A 300 4.62 6.54 8.53
C THR A 300 5.24 5.86 7.32
N SER A 301 4.45 5.12 6.55
CA SER A 301 4.87 4.48 5.30
C SER A 301 3.62 3.98 4.61
N ALA A 302 3.75 3.70 3.30
CA ALA A 302 2.63 3.14 2.55
C ALA A 302 2.13 1.85 3.19
N GLU A 303 3.05 0.96 3.57
CA GLU A 303 2.63 -0.33 4.12
C GLU A 303 1.95 -0.15 5.48
N MET A 304 2.38 0.83 6.26
CA MET A 304 1.72 1.10 7.55
C MET A 304 0.32 1.68 7.33
N THR A 305 0.18 2.59 6.37
CA THR A 305 -1.14 3.13 6.04
C THR A 305 -2.09 2.01 5.59
N MET A 306 -1.61 1.10 4.74
CA MET A 306 -2.48 0.06 4.22
C MET A 306 -2.80 -0.99 5.28
N LYS A 307 -1.84 -1.33 6.15
CA LYS A 307 -2.18 -2.19 7.28
C LYS A 307 -3.25 -1.54 8.15
N THR A 308 -3.08 -0.24 8.42
CA THR A 308 -4.04 0.43 9.29
C THR A 308 -5.43 0.46 8.66
N VAL A 309 -5.52 0.70 7.36
CA VAL A 309 -6.85 0.77 6.76
C VAL A 309 -7.52 -0.60 6.73
N LYS A 310 -6.73 -1.67 6.57
CA LYS A 310 -7.29 -3.01 6.69
C LYS A 310 -7.88 -3.23 8.09
N LEU A 311 -7.08 -2.94 9.12
CA LEU A 311 -7.55 -3.17 10.49
C LEU A 311 -8.74 -2.28 10.82
N ALA A 312 -8.74 -1.04 10.31
CA ALA A 312 -9.88 -0.16 10.52
C ALA A 312 -11.16 -0.76 9.94
N SER A 313 -11.07 -1.37 8.74
CA SER A 313 -12.25 -1.95 8.11
C SER A 313 -12.78 -3.16 8.89
N CYS A 314 -11.92 -3.81 9.68
CA CYS A 314 -12.32 -4.89 10.57
C CYS A 314 -12.81 -4.39 11.92
N ARG A 315 -12.91 -3.07 12.09
CA ARG A 315 -13.32 -2.41 13.34
C ARG A 315 -12.37 -2.76 14.49
N TYR A 316 -11.11 -3.06 14.14
CA TYR A 316 -10.10 -3.40 15.13
C TYR A 316 -9.66 -2.18 15.94
N TYR A 317 -9.80 -0.98 15.38
CA TYR A 317 -9.33 0.25 16.00
C TYR A 317 -10.48 1.10 16.53
N ASP A 318 -11.63 0.50 16.81
CA ASP A 318 -12.80 1.29 17.19
C ASP A 318 -12.59 2.06 18.49
N SER A 319 -11.70 1.58 19.38
CA SER A 319 -11.54 2.21 20.69
C SER A 319 -10.37 3.20 20.75
N LEU A 320 -9.85 3.62 19.60
CA LEU A 320 -8.82 4.64 19.59
C LEU A 320 -9.34 5.95 20.18
N PRO A 321 -8.45 6.83 20.64
CA PRO A 321 -8.87 8.18 21.01
C PRO A 321 -9.50 8.88 19.80
N THR A 322 -10.25 9.94 20.08
CA THR A 322 -10.88 10.70 19.01
C THR A 322 -10.28 12.10 18.86
N THR A 323 -9.15 12.37 19.51
CA THR A 323 -8.42 13.61 19.33
C THR A 323 -6.94 13.30 19.20
N GLY A 324 -6.23 14.15 18.45
CA GLY A 324 -4.78 14.05 18.33
C GLY A 324 -4.07 14.78 19.44
N ASP A 325 -2.74 14.73 19.38
CA ASP A 325 -1.92 15.47 20.35
C ASP A 325 -0.56 15.77 19.73
N LYS A 326 0.26 16.52 20.48
CA LYS A 326 1.54 16.98 19.95
C LYS A 326 2.55 15.85 19.79
N TYR A 327 2.24 14.64 20.24
CA TYR A 327 3.11 13.49 20.07
C TYR A 327 2.73 12.66 18.85
N GLY A 328 1.67 13.02 18.14
CA GLY A 328 1.35 12.37 16.89
C GLY A 328 0.56 11.08 17.00
N ARG A 329 -0.17 10.87 18.10
CA ARG A 329 -0.93 9.64 18.24
C ARG A 329 -2.04 9.55 17.20
N ALA A 330 -2.34 8.32 16.80
CA ALA A 330 -3.47 8.06 15.92
C ALA A 330 -4.79 8.38 16.62
N PHE A 331 -5.79 8.79 15.83
CA PHE A 331 -7.11 8.95 16.40
C PHE A 331 -8.18 8.65 15.35
N ARG A 332 -9.32 8.16 15.84
CA ARG A 332 -10.54 8.06 15.04
C ARG A 332 -11.18 9.43 14.95
N ASP A 333 -11.73 9.76 13.79
CA ASP A 333 -12.33 11.08 13.57
C ASP A 333 -13.82 10.92 13.29
N PRO A 334 -14.66 10.98 14.32
CA PRO A 334 -16.11 10.79 14.12
C PRO A 334 -16.73 11.83 13.20
N GLU A 335 -16.24 13.06 13.20
CA GLU A 335 -16.82 14.06 12.30
C GLU A 335 -16.64 13.65 10.85
N TRP A 336 -15.45 13.16 10.50
CA TRP A 336 -15.22 12.78 9.11
C TRP A 336 -15.79 11.41 8.79
N GLU A 337 -16.00 10.55 9.79
CA GLU A 337 -16.80 9.35 9.54
C GLU A 337 -18.22 9.72 9.12
N LYS A 338 -18.82 10.72 9.79
CA LYS A 338 -20.15 11.16 9.41
C LYS A 338 -20.15 11.74 8.00
N ILE A 339 -19.09 12.47 7.63
CA ILE A 339 -19.01 13.03 6.30
C ILE A 339 -18.89 11.91 5.26
N VAL A 340 -18.06 10.90 5.52
CA VAL A 340 -17.95 9.76 4.61
C VAL A 340 -19.33 9.11 4.42
N MET A 341 -20.08 8.95 5.51
CA MET A 341 -21.40 8.34 5.39
C MET A 341 -22.35 9.23 4.61
N GLU A 342 -22.28 10.55 4.80
CA GLU A 342 -23.12 11.45 4.01
C GLU A 342 -22.79 11.34 2.53
N VAL A 343 -21.50 11.29 2.20
CA VAL A 343 -21.09 11.13 0.79
C VAL A 343 -21.60 9.82 0.23
N ALA A 344 -21.45 8.73 1.01
CA ALA A 344 -21.88 7.41 0.54
C ALA A 344 -23.39 7.39 0.29
N GLN A 345 -24.16 7.98 1.21
CA GLN A 345 -25.62 7.96 1.09
C GLN A 345 -26.07 8.82 -0.08
N LYS A 346 -25.53 10.03 -0.19
CA LYS A 346 -25.96 10.96 -1.24
C LYS A 346 -25.45 10.56 -2.62
N SER A 347 -24.49 9.64 -2.71
CA SER A 347 -23.98 9.20 -3.99
C SER A 347 -25.06 8.56 -4.84
N GLY A 348 -26.09 8.00 -4.19
CA GLY A 348 -27.11 7.25 -4.88
C GLY A 348 -26.66 5.89 -5.39
N ILE A 349 -25.42 5.47 -5.13
CA ILE A 349 -24.95 4.19 -5.64
C ILE A 349 -25.75 3.06 -5.01
N GLY A 350 -25.99 3.15 -3.70
CA GLY A 350 -26.87 2.22 -3.02
C GLY A 350 -26.23 0.87 -2.75
N ALA A 351 -27.05 -0.03 -2.23
CA ALA A 351 -26.67 -1.41 -1.96
C ALA A 351 -26.72 -2.20 -3.28
N GLN A 352 -25.76 -1.89 -4.15
CA GLN A 352 -25.48 -2.55 -5.42
C GLN A 352 -26.29 -2.05 -6.61
N PHE A 353 -27.53 -1.58 -6.42
CA PHE A 353 -28.38 -1.29 -7.57
C PHE A 353 -29.17 0.01 -7.39
N GLY A 354 -28.54 1.01 -6.77
CA GLY A 354 -29.13 2.33 -6.66
C GLY A 354 -29.86 2.53 -5.35
N GLY A 355 -29.54 3.59 -4.64
CA GLY A 355 -30.23 3.86 -3.40
C GLY A 355 -29.31 4.56 -2.40
N LYS A 356 -29.59 4.30 -1.12
CA LYS A 356 -28.92 4.97 -0.02
C LYS A 356 -27.84 4.15 0.65
N TYR A 357 -27.88 2.82 0.52
CA TYR A 357 -27.09 1.95 1.39
C TYR A 357 -25.83 1.43 0.71
N PHE A 358 -25.08 2.37 0.13
CA PHE A 358 -23.71 2.09 -0.32
C PHE A 358 -22.85 1.60 0.84
N ALA A 359 -23.07 2.13 2.04
CA ALA A 359 -22.20 1.85 3.18
C ALA A 359 -23.01 1.50 4.43
N HIS A 360 -22.52 0.48 5.14
CA HIS A 360 -23.00 0.18 6.50
C HIS A 360 -22.59 1.27 7.48
N GLN A 361 -21.31 1.63 7.45
CA GLN A 361 -20.70 2.50 8.45
C GLN A 361 -19.32 2.85 7.93
N ALA A 362 -18.68 3.80 8.60
CA ALA A 362 -17.39 4.30 8.15
C ALA A 362 -16.44 4.38 9.33
N ARG A 363 -15.16 4.17 9.03
CA ARG A 363 -14.09 4.37 10.00
C ARG A 363 -13.05 5.28 9.35
N VAL A 364 -12.69 6.35 10.05
CA VAL A 364 -11.68 7.30 9.56
C VAL A 364 -10.62 7.41 10.63
N ILE A 365 -9.38 7.08 10.29
N ILE A 365 -9.39 7.05 10.28
CA ILE A 365 -8.26 7.17 11.22
CA ILE A 365 -8.24 7.16 11.17
C ILE A 365 -7.26 8.17 10.68
C ILE A 365 -7.32 8.24 10.63
N ARG A 366 -6.91 9.16 11.49
CA ARG A 366 -5.90 10.15 11.15
C ARG A 366 -4.58 9.75 11.80
N LEU A 367 -3.52 9.73 11.00
CA LEU A 367 -2.19 9.28 11.42
C LEU A 367 -1.16 10.39 11.26
N PRO A 368 -0.05 10.32 11.99
CA PRO A 368 1.06 11.25 11.76
C PRO A 368 1.68 11.02 10.39
N ARG A 369 2.48 12.00 9.94
CA ARG A 369 3.09 11.91 8.63
C ARG A 369 4.41 12.68 8.61
N HIS A 370 5.35 12.19 7.81
CA HIS A 370 6.50 13.00 7.44
C HIS A 370 6.02 14.25 6.73
N GLY A 371 6.66 15.39 7.00
CA GLY A 371 6.21 16.64 6.41
C GLY A 371 6.10 16.59 4.89
N ALA A 372 6.95 15.80 4.23
CA ALA A 372 6.92 15.67 2.78
C ALA A 372 5.88 14.69 2.28
N SER A 373 5.17 13.97 3.16
CA SER A 373 4.39 12.82 2.76
C SER A 373 2.94 12.93 3.24
N CYS A 374 2.03 12.35 2.47
CA CYS A 374 0.65 12.15 2.93
C CYS A 374 0.06 10.94 2.23
N PRO A 375 0.48 9.74 2.63
CA PRO A 375 -0.18 8.55 2.11
C PRO A 375 -1.60 8.49 2.63
N VAL A 376 -2.50 7.97 1.78
CA VAL A 376 -3.91 7.83 2.14
C VAL A 376 -4.35 6.44 1.72
N GLY A 377 -5.05 5.75 2.61
CA GLY A 377 -5.58 4.43 2.32
C GLY A 377 -7.09 4.41 2.33
N LEU A 378 -7.67 3.70 1.37
CA LEU A 378 -9.11 3.50 1.30
C LEU A 378 -9.37 2.03 1.08
N ALA A 379 -10.24 1.44 1.90
CA ALA A 379 -10.51 0.01 1.78
C ALA A 379 -11.90 -0.30 2.31
N VAL A 380 -12.43 -1.46 1.93
CA VAL A 380 -13.75 -1.86 2.38
C VAL A 380 -13.70 -3.27 2.97
N SER A 381 -14.66 -3.52 3.86
CA SER A 381 -15.10 -4.90 4.11
C SER A 381 -16.41 -5.11 3.39
N CYS A 382 -16.50 -6.22 2.66
CA CYS A 382 -17.61 -6.49 1.75
C CYS A 382 -18.74 -7.21 2.47
N SER A 383 -19.73 -7.68 1.70
CA SER A 383 -20.84 -8.43 2.28
C SER A 383 -20.36 -9.68 3.00
N ALA A 384 -19.27 -10.29 2.53
CA ALA A 384 -18.64 -11.42 3.24
C ALA A 384 -17.66 -10.87 4.27
N ASP A 385 -18.25 -10.19 5.26
CA ASP A 385 -17.52 -9.49 6.32
C ASP A 385 -17.11 -10.54 7.36
N ARG A 386 -15.85 -10.95 7.31
CA ARG A 386 -15.41 -12.18 7.99
C ARG A 386 -14.13 -11.92 8.80
N GLN A 387 -14.30 -11.64 10.09
CA GLN A 387 -13.16 -11.57 11.00
C GLN A 387 -13.60 -12.08 12.35
N ILE A 388 -12.64 -12.59 13.12
CA ILE A 388 -12.96 -13.13 14.43
C ILE A 388 -11.76 -12.92 15.34
N LEU A 389 -12.01 -12.29 16.49
CA LEU A 389 -10.97 -12.08 17.49
C LEU A 389 -10.81 -13.33 18.36
N ALA A 390 -9.62 -13.48 18.95
CA ALA A 390 -9.38 -14.64 19.80
C ALA A 390 -8.21 -14.34 20.72
N HIS A 391 -8.10 -15.13 21.79
CA HIS A 391 -6.90 -15.02 22.60
C HIS A 391 -6.68 -16.32 23.38
N ILE A 392 -5.42 -16.56 23.71
CA ILE A 392 -5.00 -17.66 24.57
C ILE A 392 -4.40 -17.07 25.83
N ASN A 393 -4.86 -17.53 26.99
CA ASN A 393 -4.35 -17.04 28.26
C ASN A 393 -4.30 -18.20 29.25
N LYS A 394 -4.09 -17.87 30.54
CA LYS A 394 -3.93 -18.90 31.55
C LYS A 394 -5.18 -19.77 31.71
N SER A 395 -6.33 -19.29 31.22
CA SER A 395 -7.59 -20.03 31.33
C SER A 395 -7.89 -20.87 30.10
N GLY A 396 -7.11 -20.75 29.03
CA GLY A 396 -7.35 -21.54 27.84
C GLY A 396 -7.51 -20.72 26.57
N ILE A 397 -8.31 -21.24 25.63
CA ILE A 397 -8.50 -20.65 24.31
C ILE A 397 -9.88 -20.00 24.25
N TYR A 398 -9.91 -18.71 23.89
CA TYR A 398 -11.15 -17.95 23.76
C TYR A 398 -11.33 -17.45 22.34
N ILE A 399 -12.55 -17.55 21.82
CA ILE A 399 -12.84 -17.14 20.46
C ILE A 399 -14.09 -16.27 20.43
N GLU A 400 -14.05 -15.20 19.64
CA GLU A 400 -15.17 -14.28 19.55
C GLU A 400 -16.45 -15.02 19.17
N GLN A 401 -17.54 -14.67 19.85
CA GLN A 401 -18.85 -15.25 19.59
C GLN A 401 -19.56 -14.43 18.53
N LEU A 402 -19.84 -15.05 17.38
CA LEU A 402 -20.61 -14.39 16.33
C LEU A 402 -22.09 -14.71 16.51
N GLU A 403 -22.94 -14.09 15.68
CA GLU A 403 -24.39 -14.22 15.82
C GLU A 403 -24.87 -15.51 15.14
N GLN A 404 -25.32 -16.47 15.95
N GLN A 404 -25.33 -16.46 15.93
CA GLN A 404 -25.73 -17.77 15.44
CA GLN A 404 -25.72 -17.75 15.36
C GLN A 404 -27.15 -17.76 14.88
C GLN A 404 -27.21 -17.86 15.08
N ASN A 405 -27.97 -16.76 15.22
CA ASN A 405 -29.37 -16.69 14.82
C ASN A 405 -29.60 -15.41 14.01
N PRO A 406 -29.08 -15.33 12.78
CA PRO A 406 -29.31 -14.13 11.97
C PRO A 406 -30.76 -13.92 11.58
N ALA A 407 -31.62 -14.94 11.68
CA ALA A 407 -33.00 -14.78 11.27
C ALA A 407 -33.73 -13.72 12.09
N GLN A 408 -33.27 -13.43 13.31
CA GLN A 408 -33.92 -12.42 14.13
C GLN A 408 -33.82 -11.02 13.54
N TYR A 409 -32.93 -10.81 12.56
CA TYR A 409 -32.77 -9.51 11.93
C TYR A 409 -33.68 -9.32 10.71
N LEU A 410 -34.42 -10.34 10.32
CA LEU A 410 -35.37 -10.25 9.21
C LEU A 410 -36.71 -9.75 9.73
N PRO A 411 -37.36 -8.79 9.03
CA PRO A 411 -38.62 -8.20 9.48
C PRO A 411 -39.77 -9.20 9.51
N THR A 421 -43.06 -8.40 -10.57
CA THR A 421 -41.96 -7.50 -10.23
C THR A 421 -40.66 -7.94 -10.89
N SER A 422 -40.73 -8.95 -11.75
CA SER A 422 -39.56 -9.42 -12.48
C SER A 422 -40.00 -10.08 -13.77
N VAL A 423 -39.10 -10.05 -14.76
CA VAL A 423 -39.33 -10.63 -16.08
C VAL A 423 -38.69 -12.01 -16.13
N LYS A 424 -39.49 -13.02 -16.44
N LYS A 424 -39.49 -13.02 -16.44
CA LYS A 424 -38.97 -14.39 -16.56
CA LYS A 424 -38.96 -14.38 -16.55
C LYS A 424 -38.25 -14.53 -17.90
C LYS A 424 -38.25 -14.55 -17.89
N VAL A 425 -36.99 -14.97 -17.85
CA VAL A 425 -36.16 -15.15 -19.03
C VAL A 425 -35.79 -16.62 -19.14
N ASP A 426 -36.28 -17.28 -20.18
CA ASP A 426 -35.99 -18.68 -20.44
C ASP A 426 -34.69 -18.76 -21.24
N LEU A 427 -33.64 -19.31 -20.64
CA LEU A 427 -32.36 -19.44 -21.32
C LEU A 427 -32.30 -20.67 -22.22
N LYS A 428 -33.27 -21.58 -22.10
CA LYS A 428 -33.34 -22.80 -22.91
C LYS A 428 -33.88 -22.53 -24.31
N ARG A 429 -33.46 -21.43 -24.90
CA ARG A 429 -33.84 -21.00 -26.23
C ARG A 429 -32.57 -20.71 -27.00
N PRO A 430 -32.65 -20.54 -28.32
CA PRO A 430 -31.50 -20.01 -29.05
C PRO A 430 -31.04 -18.69 -28.44
N ILE A 431 -29.73 -18.50 -28.37
CA ILE A 431 -29.20 -17.32 -27.68
C ILE A 431 -29.69 -16.05 -28.36
N ASP A 432 -29.92 -16.09 -29.67
CA ASP A 432 -30.41 -14.89 -30.35
C ASP A 432 -31.83 -14.55 -29.92
N LYS A 433 -32.64 -15.55 -29.55
CA LYS A 433 -33.97 -15.26 -29.03
C LYS A 433 -33.90 -14.65 -27.64
N VAL A 434 -32.94 -15.07 -26.82
CA VAL A 434 -32.77 -14.47 -25.51
C VAL A 434 -32.35 -13.02 -25.65
N ARG A 435 -31.42 -12.74 -26.57
CA ARG A 435 -31.04 -11.35 -26.83
C ARG A 435 -32.24 -10.53 -27.27
N GLN A 436 -33.09 -11.10 -28.13
N GLN A 436 -33.08 -11.09 -28.15
CA GLN A 436 -34.26 -10.37 -28.60
CA GLN A 436 -34.27 -10.38 -28.59
C GLN A 436 -35.21 -10.03 -27.45
C GLN A 436 -35.17 -10.02 -27.43
N GLN A 437 -35.39 -10.95 -26.51
CA GLN A 437 -36.26 -10.68 -25.36
C GLN A 437 -35.66 -9.58 -24.48
N LEU A 438 -34.37 -9.70 -24.15
CA LEU A 438 -33.73 -8.71 -23.29
C LEU A 438 -33.78 -7.32 -23.92
N SER A 439 -33.73 -7.24 -25.26
CA SER A 439 -33.73 -5.96 -25.95
C SER A 439 -35.03 -5.19 -25.75
N GLN A 440 -36.09 -5.87 -25.30
N GLN A 440 -36.08 -5.86 -25.30
CA GLN A 440 -37.38 -5.24 -25.09
CA GLN A 440 -37.37 -5.21 -25.10
C GLN A 440 -37.44 -4.39 -23.82
C GLN A 440 -37.48 -4.47 -23.77
N TYR A 441 -36.44 -4.49 -22.95
CA TYR A 441 -36.50 -3.92 -21.61
C TYR A 441 -35.38 -2.91 -21.37
N PRO A 442 -35.63 -1.90 -20.53
CA PRO A 442 -34.59 -0.93 -20.18
C PRO A 442 -33.65 -1.45 -19.11
N VAL A 443 -32.49 -0.78 -19.00
CA VAL A 443 -31.57 -1.11 -17.91
C VAL A 443 -32.28 -0.84 -16.59
N GLY A 444 -31.93 -1.65 -15.58
CA GLY A 444 -32.61 -1.61 -14.31
C GLY A 444 -33.73 -2.62 -14.17
N THR A 445 -34.16 -3.23 -15.26
CA THR A 445 -35.21 -4.26 -15.20
C THR A 445 -34.70 -5.48 -14.46
N ARG A 446 -35.49 -5.98 -13.51
N ARG A 446 -35.49 -5.94 -13.49
CA ARG A 446 -35.11 -7.20 -12.80
CA ARG A 446 -35.23 -7.20 -12.82
C ARG A 446 -35.64 -8.41 -13.56
C ARG A 446 -35.61 -8.36 -13.72
N VAL A 447 -34.75 -9.36 -13.81
CA VAL A 447 -35.07 -10.58 -14.55
C VAL A 447 -34.86 -11.79 -13.65
N MET A 448 -35.48 -12.90 -14.05
N MET A 448 -35.47 -12.91 -14.05
CA MET A 448 -35.33 -14.19 -13.40
CA MET A 448 -35.29 -14.18 -13.37
C MET A 448 -34.90 -15.18 -14.47
C MET A 448 -34.91 -15.21 -14.42
N LEU A 449 -33.69 -15.72 -14.33
CA LEU A 449 -33.12 -16.58 -15.36
C LEU A 449 -33.41 -18.05 -15.09
N ASN A 450 -33.75 -18.78 -16.14
CA ASN A 450 -34.06 -20.20 -16.05
C ASN A 450 -33.39 -20.92 -17.21
N GLY A 451 -32.38 -21.71 -16.93
CA GLY A 451 -31.73 -22.47 -17.97
C GLY A 451 -30.24 -22.62 -17.79
N THR A 452 -29.52 -22.80 -18.89
CA THR A 452 -28.10 -23.13 -18.85
C THR A 452 -27.24 -21.87 -18.82
N LEU A 453 -26.23 -21.89 -17.96
CA LEU A 453 -25.15 -20.92 -17.97
C LEU A 453 -23.84 -21.63 -18.22
N ILE A 454 -22.98 -21.02 -19.03
CA ILE A 454 -21.60 -21.47 -19.17
C ILE A 454 -20.75 -20.58 -18.27
N VAL A 455 -19.93 -21.21 -17.43
CA VAL A 455 -19.23 -20.52 -16.35
C VAL A 455 -17.76 -20.41 -16.69
N ALA A 456 -17.23 -19.18 -16.66
CA ALA A 456 -15.82 -18.93 -16.95
C ALA A 456 -15.40 -17.60 -16.35
N ARG A 457 -14.21 -17.57 -15.75
CA ARG A 457 -13.69 -16.33 -15.19
C ARG A 457 -12.26 -16.06 -15.66
N ASP A 458 -11.39 -15.58 -14.78
CA ASP A 458 -10.17 -14.91 -15.22
C ASP A 458 -9.25 -15.80 -16.05
N ILE A 459 -8.94 -17.00 -15.53
N ILE A 459 -8.93 -16.99 -15.52
CA ILE A 459 -7.95 -17.84 -16.20
CA ILE A 459 -7.96 -17.86 -16.18
C ILE A 459 -8.51 -18.45 -17.48
C ILE A 459 -8.53 -18.39 -17.49
N ALA A 460 -9.77 -18.88 -17.46
CA ALA A 460 -10.38 -19.42 -18.68
C ALA A 460 -10.44 -18.36 -19.78
N HIS A 461 -10.80 -17.13 -19.42
CA HIS A 461 -10.83 -16.07 -20.42
C HIS A 461 -9.44 -15.82 -21.00
N ALA A 462 -8.41 -15.80 -20.13
CA ALA A 462 -7.05 -15.60 -20.63
C ALA A 462 -6.60 -16.74 -21.53
N LYS A 463 -6.95 -17.97 -21.15
CA LYS A 463 -6.58 -19.13 -21.95
C LYS A 463 -7.28 -19.13 -23.30
N ILE A 464 -8.55 -18.72 -23.32
CA ILE A 464 -9.29 -18.70 -24.58
C ILE A 464 -8.77 -17.59 -25.49
N LYS A 465 -8.44 -16.42 -24.92
CA LYS A 465 -7.82 -15.38 -25.72
C LYS A 465 -6.49 -15.84 -26.29
N GLU A 466 -5.69 -16.56 -25.50
CA GLU A 466 -4.40 -17.05 -25.98
C GLU A 466 -4.60 -18.02 -27.14
N MET A 467 -5.61 -18.89 -27.06
CA MET A 467 -5.91 -19.78 -28.18
C MET A 467 -6.26 -18.98 -29.43
N MET A 468 -7.07 -17.93 -29.27
CA MET A 468 -7.46 -17.11 -30.41
C MET A 468 -6.27 -16.36 -30.99
N ASP A 469 -5.37 -15.88 -30.12
CA ASP A 469 -4.15 -15.25 -30.59
C ASP A 469 -3.29 -16.21 -31.39
N ASN A 470 -3.41 -17.50 -31.12
CA ASN A 470 -2.71 -18.54 -31.87
C ASN A 470 -3.50 -19.05 -33.06
N GLY A 471 -4.56 -18.34 -33.45
CA GLY A 471 -5.31 -18.67 -34.64
C GLY A 471 -6.47 -19.63 -34.43
N GLU A 472 -6.75 -20.02 -33.19
CA GLU A 472 -7.86 -20.94 -32.98
C GLU A 472 -9.18 -20.18 -32.87
N PRO A 473 -10.30 -20.84 -33.17
CA PRO A 473 -11.59 -20.16 -33.07
C PRO A 473 -12.00 -19.99 -31.62
N LEU A 474 -12.88 -19.02 -31.38
CA LEU A 474 -13.58 -18.99 -30.11
C LEU A 474 -14.37 -20.29 -29.95
N PRO A 475 -14.21 -21.00 -28.82
CA PRO A 475 -14.88 -22.29 -28.66
C PRO A 475 -16.39 -22.17 -28.77
N GLU A 476 -17.01 -23.22 -29.32
CA GLU A 476 -18.46 -23.22 -29.50
C GLU A 476 -19.18 -23.08 -28.17
N TYR A 477 -18.62 -23.60 -27.08
CA TYR A 477 -19.31 -23.51 -25.80
C TYR A 477 -19.33 -22.10 -25.24
N MET A 478 -18.63 -21.16 -25.85
CA MET A 478 -18.73 -19.75 -25.49
C MET A 478 -19.82 -19.02 -26.25
N LYS A 479 -20.53 -19.70 -27.14
CA LYS A 479 -21.49 -19.08 -28.03
C LYS A 479 -22.92 -19.56 -27.83
N THR A 480 -23.15 -20.53 -26.95
CA THR A 480 -24.46 -21.18 -26.87
C THR A 480 -25.32 -20.69 -25.71
N SER A 481 -24.72 -20.15 -24.66
CA SER A 481 -25.41 -19.78 -23.44
C SER A 481 -24.80 -18.49 -22.91
N PRO A 482 -25.53 -17.75 -22.07
CA PRO A 482 -24.90 -16.63 -21.35
C PRO A 482 -23.70 -17.12 -20.56
N ILE A 483 -22.73 -16.23 -20.40
CA ILE A 483 -21.50 -16.53 -19.68
C ILE A 483 -21.62 -15.99 -18.25
N TYR A 484 -21.54 -16.90 -17.28
CA TYR A 484 -21.58 -16.56 -15.86
C TYR A 484 -20.14 -16.53 -15.34
N TYR A 485 -19.68 -15.37 -14.88
CA TYR A 485 -18.35 -15.29 -14.27
C TYR A 485 -18.46 -15.76 -12.83
N ALA A 486 -17.90 -16.94 -12.53
CA ALA A 486 -18.02 -17.47 -11.18
C ALA A 486 -17.03 -18.62 -10.99
N GLY A 487 -16.72 -18.89 -9.72
CA GLY A 487 -15.95 -20.05 -9.36
C GLY A 487 -16.52 -20.68 -8.10
N PRO A 488 -16.94 -21.94 -8.18
CA PRO A 488 -17.68 -22.53 -7.07
C PRO A 488 -16.78 -22.99 -5.94
N ALA A 489 -17.34 -22.94 -4.72
CA ALA A 489 -16.77 -23.65 -3.60
C ALA A 489 -17.13 -25.14 -3.70
N LYS A 490 -16.54 -25.94 -2.82
CA LYS A 490 -16.70 -27.38 -2.91
C LYS A 490 -18.14 -27.80 -2.62
N THR A 491 -18.56 -28.89 -3.25
CA THR A 491 -19.95 -29.34 -3.16
C THR A 491 -20.17 -30.19 -1.91
N PRO A 492 -21.10 -29.82 -1.04
CA PRO A 492 -21.45 -30.68 0.09
C PRO A 492 -22.04 -32.00 -0.38
N GLU A 493 -21.78 -33.06 0.39
CA GLU A 493 -22.38 -34.36 0.09
C GLU A 493 -23.89 -34.24 0.03
N GLY A 494 -24.48 -34.75 -1.04
CA GLY A 494 -25.92 -34.71 -1.21
C GLY A 494 -26.47 -33.42 -1.77
N TYR A 495 -25.63 -32.42 -2.02
CA TYR A 495 -26.05 -31.16 -2.59
C TYR A 495 -25.75 -31.13 -4.08
N ALA A 496 -26.56 -30.36 -4.83
CA ALA A 496 -26.29 -30.19 -6.24
C ALA A 496 -25.10 -29.27 -6.48
N SER A 497 -24.85 -28.34 -5.57
CA SER A 497 -23.84 -27.31 -5.78
C SER A 497 -23.33 -26.81 -4.44
N GLY A 498 -22.05 -26.47 -4.39
CA GLY A 498 -21.53 -25.65 -3.32
C GLY A 498 -21.89 -24.20 -3.54
N SER A 499 -21.50 -23.35 -2.60
CA SER A 499 -21.74 -21.92 -2.76
C SER A 499 -21.13 -21.46 -4.08
N PHE A 500 -21.86 -20.60 -4.80
CA PHE A 500 -21.59 -20.40 -6.22
C PHE A 500 -22.14 -19.06 -6.71
N GLY A 501 -21.78 -17.98 -6.03
CA GLY A 501 -22.15 -16.65 -6.44
C GLY A 501 -21.17 -16.06 -7.45
N PRO A 502 -21.44 -14.84 -7.89
CA PRO A 502 -20.69 -14.26 -9.02
C PRO A 502 -19.36 -13.65 -8.64
N THR A 503 -18.49 -13.60 -9.65
N THR A 503 -18.44 -13.61 -9.60
CA THR A 503 -17.18 -12.96 -9.72
CA THR A 503 -17.22 -12.87 -9.41
C THR A 503 -17.34 -11.51 -10.18
C THR A 503 -17.35 -11.49 -10.08
N THR A 504 -16.34 -10.67 -9.87
CA THR A 504 -16.36 -9.26 -10.28
C THR A 504 -16.24 -9.14 -11.80
N ALA A 505 -17.23 -8.49 -12.42
CA ALA A 505 -17.30 -8.43 -13.87
C ALA A 505 -16.14 -7.63 -14.48
N GLY A 506 -15.71 -6.58 -13.79
CA GLY A 506 -14.76 -5.65 -14.39
C GLY A 506 -13.46 -6.30 -14.82
N ARG A 507 -13.06 -7.38 -14.15
CA ARG A 507 -11.80 -8.03 -14.48
C ARG A 507 -11.84 -8.73 -15.84
N MET A 508 -13.03 -8.95 -16.40
CA MET A 508 -13.17 -9.59 -17.70
C MET A 508 -13.45 -8.59 -18.82
N ASP A 509 -13.42 -7.27 -18.52
CA ASP A 509 -13.83 -6.26 -19.49
C ASP A 509 -13.01 -6.31 -20.78
N SER A 510 -11.72 -6.64 -20.68
CA SER A 510 -10.87 -6.60 -21.86
C SER A 510 -11.19 -7.71 -22.86
N TYR A 511 -12.04 -8.67 -22.50
CA TYR A 511 -12.37 -9.79 -23.38
C TYR A 511 -13.68 -9.62 -24.13
N VAL A 512 -14.55 -8.72 -23.69
CA VAL A 512 -15.93 -8.74 -24.16
C VAL A 512 -16.01 -8.37 -25.64
N ASP A 513 -15.42 -7.24 -26.04
CA ASP A 513 -15.49 -6.85 -27.45
C ASP A 513 -14.87 -7.92 -28.35
N LEU A 514 -13.72 -8.46 -27.94
CA LEU A 514 -13.06 -9.50 -28.73
C LEU A 514 -13.96 -10.72 -28.90
N PHE A 515 -14.52 -11.22 -27.79
CA PHE A 515 -15.34 -12.42 -27.88
C PHE A 515 -16.62 -12.15 -28.67
N GLN A 516 -17.25 -10.99 -28.45
CA GLN A 516 -18.46 -10.66 -29.20
C GLN A 516 -18.18 -10.51 -30.69
N SER A 517 -17.00 -9.99 -31.05
N SER A 517 -17.01 -9.98 -31.05
CA SER A 517 -16.64 -9.89 -32.46
CA SER A 517 -16.65 -9.90 -32.46
C SER A 517 -16.44 -11.25 -33.10
C SER A 517 -16.50 -11.26 -33.10
N HIS A 518 -16.29 -12.31 -32.30
CA HIS A 518 -16.15 -13.67 -32.80
C HIS A 518 -17.38 -14.51 -32.50
N GLY A 519 -18.49 -13.87 -32.14
CA GLY A 519 -19.77 -14.55 -32.10
C GLY A 519 -20.18 -15.14 -30.77
N GLY A 520 -19.55 -14.74 -29.67
CA GLY A 520 -19.88 -15.28 -28.37
C GLY A 520 -19.85 -14.22 -27.29
N SER A 521 -20.18 -14.65 -26.06
CA SER A 521 -20.23 -13.76 -24.90
C SER A 521 -21.17 -12.57 -25.12
N TYR A 522 -22.25 -12.78 -25.88
CA TYR A 522 -23.21 -11.71 -26.11
C TYR A 522 -23.96 -11.34 -24.84
N ILE A 523 -24.16 -12.29 -23.94
CA ILE A 523 -24.81 -12.04 -22.65
C ILE A 523 -23.86 -12.52 -21.56
N THR A 524 -23.51 -11.62 -20.65
CA THR A 524 -22.68 -11.97 -19.51
C THR A 524 -23.45 -11.72 -18.22
N LEU A 525 -23.08 -12.48 -17.19
CA LEU A 525 -23.77 -12.47 -15.90
C LEU A 525 -22.70 -12.49 -14.82
N ALA A 526 -22.66 -11.45 -13.98
CA ALA A 526 -21.67 -11.34 -12.93
C ALA A 526 -22.10 -10.27 -11.95
N LYS A 527 -21.18 -9.68 -11.19
CA LYS A 527 -21.53 -8.58 -10.32
C LYS A 527 -20.53 -7.45 -10.47
N GLY A 528 -21.00 -6.24 -10.25
CA GLY A 528 -20.14 -5.07 -10.29
C GLY A 528 -20.36 -4.23 -11.54
N ASN A 529 -20.06 -2.95 -11.42
CA ASN A 529 -20.10 -2.05 -12.56
C ASN A 529 -18.92 -2.31 -13.48
N ARG A 530 -19.09 -2.00 -14.77
CA ARG A 530 -18.09 -2.30 -15.78
C ARG A 530 -17.67 -1.02 -16.51
N SER A 531 -16.56 -1.14 -17.25
CA SER A 531 -15.98 0.02 -17.90
C SER A 531 -16.72 0.35 -19.20
N LYS A 532 -16.40 1.53 -19.75
CA LYS A 532 -17.11 2.02 -20.93
C LYS A 532 -16.92 1.10 -22.13
N GLN A 533 -15.78 0.42 -22.23
CA GLN A 533 -15.55 -0.47 -23.36
C GLN A 533 -16.62 -1.56 -23.45
N VAL A 534 -17.17 -1.99 -22.31
CA VAL A 534 -18.18 -3.03 -22.33
C VAL A 534 -19.53 -2.47 -22.78
N THR A 535 -19.88 -1.27 -22.32
CA THR A 535 -21.07 -0.59 -22.82
C THR A 535 -20.98 -0.42 -24.33
N ASP A 536 -19.83 0.04 -24.83
CA ASP A 536 -19.64 0.22 -26.26
C ASP A 536 -19.72 -1.12 -27.00
N ALA A 537 -19.14 -2.17 -26.42
CA ALA A 537 -19.17 -3.49 -27.08
C ALA A 537 -20.61 -3.98 -27.21
N CYS A 538 -21.38 -3.90 -26.13
CA CYS A 538 -22.75 -4.38 -26.16
C CYS A 538 -23.61 -3.60 -27.17
N LYS A 539 -23.34 -2.31 -27.34
CA LYS A 539 -24.07 -1.54 -28.34
C LYS A 539 -23.65 -1.93 -29.75
N LYS A 540 -22.35 -2.17 -29.96
CA LYS A 540 -21.86 -2.54 -31.29
C LYS A 540 -22.36 -3.92 -31.70
N HIS A 541 -22.43 -4.86 -30.74
CA HIS A 541 -22.66 -6.27 -31.05
C HIS A 541 -24.01 -6.79 -30.62
N GLY A 542 -24.89 -5.94 -30.09
CA GLY A 542 -26.19 -6.39 -29.62
C GLY A 542 -26.08 -7.30 -28.43
N GLY A 543 -25.31 -6.87 -27.42
CA GLY A 543 -25.10 -7.65 -26.23
C GLY A 543 -25.71 -7.03 -24.98
N PHE A 544 -25.57 -7.77 -23.88
CA PHE A 544 -26.14 -7.41 -22.59
C PHE A 544 -25.20 -7.84 -21.48
N TYR A 545 -25.17 -7.05 -20.41
CA TYR A 545 -24.52 -7.46 -19.16
C TYR A 545 -25.59 -7.48 -18.07
N LEU A 546 -25.76 -8.64 -17.44
CA LEU A 546 -26.72 -8.85 -16.37
C LEU A 546 -25.99 -8.86 -15.04
N GLY A 547 -26.48 -8.07 -14.09
CA GLY A 547 -25.88 -8.04 -12.77
C GLY A 547 -26.62 -8.92 -11.79
N SER A 548 -25.99 -10.01 -11.39
CA SER A 548 -26.47 -10.77 -10.25
C SER A 548 -26.26 -9.95 -8.98
N ILE A 549 -27.08 -10.22 -7.97
N ILE A 549 -27.05 -10.25 -7.96
CA ILE A 549 -26.75 -9.74 -6.64
CA ILE A 549 -26.75 -9.72 -6.64
C ILE A 549 -25.39 -10.33 -6.28
C ILE A 549 -25.44 -10.34 -6.17
N GLY A 550 -24.54 -9.50 -5.68
CA GLY A 550 -23.22 -9.94 -5.26
C GLY A 550 -23.22 -10.37 -3.81
N GLY A 551 -22.69 -11.56 -3.54
CA GLY A 551 -22.60 -12.04 -2.18
C GLY A 551 -23.47 -13.23 -1.77
N PRO A 552 -24.69 -13.41 -2.31
CA PRO A 552 -25.59 -14.44 -1.74
C PRO A 552 -25.35 -15.84 -2.30
N ALA A 553 -24.12 -16.34 -2.09
CA ALA A 553 -23.68 -17.56 -2.75
C ALA A 553 -24.38 -18.80 -2.21
N ALA A 554 -24.71 -18.80 -0.92
CA ALA A 554 -25.31 -19.98 -0.31
C ALA A 554 -26.77 -20.14 -0.72
N ILE A 555 -27.52 -19.04 -0.75
CA ILE A 555 -28.91 -19.16 -1.16
C ILE A 555 -29.02 -19.40 -2.66
N LEU A 556 -28.10 -18.85 -3.46
CA LEU A 556 -28.08 -19.20 -4.88
C LEU A 556 -27.85 -20.69 -5.06
N ALA A 557 -26.88 -21.25 -4.34
CA ALA A 557 -26.61 -22.69 -4.45
C ALA A 557 -27.79 -23.51 -3.96
N LYS A 558 -28.39 -23.11 -2.84
CA LYS A 558 -29.45 -23.91 -2.23
C LYS A 558 -30.71 -23.88 -3.09
N ASP A 559 -31.06 -22.72 -3.65
CA ASP A 559 -32.36 -22.53 -4.27
C ASP A 559 -32.32 -22.46 -5.79
N SER A 560 -31.25 -21.97 -6.38
CA SER A 560 -31.24 -21.68 -7.80
C SER A 560 -30.41 -22.64 -8.64
N ILE A 561 -29.28 -23.14 -8.14
CA ILE A 561 -28.39 -23.94 -8.97
C ILE A 561 -28.77 -25.40 -8.81
N LYS A 562 -29.17 -26.01 -9.93
CA LYS A 562 -29.76 -27.34 -9.90
C LYS A 562 -28.83 -28.44 -10.39
N GLN A 563 -27.85 -28.10 -11.22
CA GLN A 563 -26.92 -29.10 -11.74
C GLN A 563 -25.62 -28.40 -12.11
N VAL A 564 -24.50 -29.04 -11.80
CA VAL A 564 -23.18 -28.50 -12.12
C VAL A 564 -22.35 -29.59 -12.76
N THR A 565 -21.77 -29.29 -13.92
CA THR A 565 -20.89 -30.22 -14.60
C THR A 565 -19.67 -29.46 -15.11
N CYS A 566 -18.51 -30.10 -15.03
CA CYS A 566 -17.29 -29.51 -15.59
C CYS A 566 -17.23 -29.74 -17.09
N LEU A 567 -17.08 -28.67 -17.86
CA LEU A 567 -17.09 -28.76 -19.32
C LEU A 567 -15.69 -28.68 -19.93
N ALA A 568 -14.79 -27.86 -19.38
CA ALA A 568 -13.46 -27.73 -19.95
C ALA A 568 -12.49 -27.24 -18.87
N PHE A 569 -11.20 -27.44 -19.15
CA PHE A 569 -10.12 -27.01 -18.28
C PHE A 569 -10.26 -27.48 -16.82
N PRO A 570 -10.50 -28.77 -16.59
CA PRO A 570 -10.68 -29.23 -15.20
C PRO A 570 -9.47 -28.99 -14.31
N GLU A 571 -8.27 -28.88 -14.90
CA GLU A 571 -7.06 -28.63 -14.12
C GLU A 571 -7.08 -27.27 -13.42
N LEU A 572 -7.97 -26.37 -13.81
CA LEU A 572 -8.03 -25.04 -13.20
C LEU A 572 -8.77 -25.02 -11.87
N GLY A 573 -9.28 -26.17 -11.42
CA GLY A 573 -9.98 -26.20 -10.15
C GLY A 573 -11.27 -25.40 -10.24
N MET A 574 -11.46 -24.48 -9.29
N MET A 574 -11.47 -24.48 -9.30
CA MET A 574 -12.68 -23.68 -9.30
CA MET A 574 -12.69 -23.69 -9.32
C MET A 574 -12.76 -22.79 -10.53
C MET A 574 -12.76 -22.77 -10.53
N GLU A 575 -11.63 -22.52 -11.19
CA GLU A 575 -11.59 -21.67 -12.38
C GLU A 575 -11.79 -22.45 -13.68
N ALA A 576 -12.17 -23.72 -13.62
CA ALA A 576 -12.54 -24.47 -14.82
C ALA A 576 -13.76 -23.84 -15.49
N VAL A 577 -14.00 -24.25 -16.73
CA VAL A 577 -15.25 -23.91 -17.42
C VAL A 577 -16.32 -24.90 -16.97
N TRP A 578 -17.43 -24.39 -16.44
CA TRP A 578 -18.53 -25.23 -15.98
C TRP A 578 -19.75 -25.00 -16.85
N LYS A 579 -20.61 -26.01 -16.88
CA LYS A 579 -21.95 -25.90 -17.45
C LYS A 579 -22.93 -26.16 -16.33
N ILE A 580 -23.75 -25.16 -16.00
CA ILE A 580 -24.67 -25.28 -14.88
C ILE A 580 -26.09 -24.98 -15.33
N GLU A 581 -27.05 -25.58 -14.65
CA GLU A 581 -28.48 -25.35 -14.87
C GLU A 581 -29.06 -24.62 -13.67
N VAL A 582 -29.74 -23.50 -13.92
CA VAL A 582 -30.25 -22.66 -12.83
C VAL A 582 -31.75 -22.44 -13.02
N GLU A 583 -32.41 -22.12 -11.90
CA GLU A 583 -33.81 -21.76 -11.88
C GLU A 583 -33.99 -20.55 -10.98
N ASP A 584 -34.87 -19.64 -11.40
CA ASP A 584 -35.21 -18.46 -10.59
C ASP A 584 -33.96 -17.72 -10.12
N PHE A 585 -33.01 -17.53 -11.03
CA PHE A 585 -31.76 -16.85 -10.73
C PHE A 585 -31.96 -15.35 -10.94
N PRO A 586 -31.94 -14.53 -9.89
CA PRO A 586 -32.26 -13.10 -10.06
C PRO A 586 -31.09 -12.31 -10.62
N ALA A 587 -31.42 -11.31 -11.43
CA ALA A 587 -30.41 -10.38 -11.94
C ALA A 587 -31.09 -9.10 -12.40
N PHE A 588 -30.29 -8.06 -12.60
CA PHE A 588 -30.74 -6.81 -13.18
C PHE A 588 -30.07 -6.61 -14.52
N ILE A 589 -30.79 -6.02 -15.48
CA ILE A 589 -30.12 -5.64 -16.73
C ILE A 589 -29.29 -4.40 -16.45
N VAL A 590 -27.96 -4.55 -16.46
CA VAL A 590 -27.07 -3.45 -16.14
C VAL A 590 -26.66 -2.67 -17.39
N VAL A 591 -26.25 -3.39 -18.43
CA VAL A 591 -25.91 -2.80 -19.73
C VAL A 591 -26.81 -3.44 -20.78
N ASP A 592 -27.45 -2.61 -21.61
CA ASP A 592 -28.30 -3.13 -22.67
C ASP A 592 -27.55 -3.09 -24.00
N ASP A 593 -28.30 -3.26 -25.09
CA ASP A 593 -27.74 -3.29 -26.44
C ASP A 593 -27.87 -1.94 -27.13
N LYS A 594 -28.02 -0.86 -26.36
CA LYS A 594 -28.34 0.45 -26.92
C LYS A 594 -27.44 1.56 -26.40
N GLY A 595 -26.41 1.22 -25.62
CA GLY A 595 -25.53 2.21 -25.04
C GLY A 595 -25.88 2.65 -23.65
N ASN A 596 -26.85 2.00 -23.00
CA ASN A 596 -27.31 2.41 -21.69
C ASN A 596 -26.68 1.54 -20.61
N ASP A 597 -26.46 2.14 -19.45
CA ASP A 597 -25.75 1.54 -18.34
C ASP A 597 -26.44 1.99 -17.06
N MET A 598 -26.88 1.02 -16.27
CA MET A 598 -27.56 1.28 -15.00
C MET A 598 -26.73 2.16 -14.07
N TYR A 599 -25.41 2.15 -14.21
CA TYR A 599 -24.52 2.90 -13.34
C TYR A 599 -24.01 4.20 -13.94
N SER A 600 -24.55 4.61 -15.10
CA SER A 600 -23.97 5.76 -15.81
C SER A 600 -24.17 7.07 -15.04
N LYS A 601 -25.19 7.17 -14.20
CA LYS A 601 -25.40 8.38 -13.42
C LYS A 601 -24.66 8.35 -12.08
N THR A 602 -24.74 7.23 -11.35
CA THR A 602 -24.16 7.19 -10.01
C THR A 602 -22.65 6.97 -10.04
N LEU A 603 -22.12 6.34 -11.09
CA LEU A 603 -20.70 6.04 -11.17
C LEU A 603 -20.07 6.70 -12.39
N ALA A 604 -20.56 7.88 -12.76
CA ALA A 604 -20.00 8.64 -13.86
C ALA A 604 -18.65 9.22 -13.48
N ASP B 64 -1.03 -35.06 3.77
CA ASP B 64 -1.15 -34.21 2.58
C ASP B 64 -0.78 -32.77 2.91
N PHE B 65 -0.75 -32.43 4.20
CA PHE B 65 -0.42 -31.08 4.62
C PHE B 65 1.09 -30.87 4.50
N HIS B 66 1.48 -29.77 3.87
CA HIS B 66 2.89 -29.41 3.78
C HIS B 66 2.99 -27.91 4.04
N PHE B 67 3.64 -27.54 5.14
CA PHE B 67 3.82 -26.13 5.43
C PHE B 67 4.96 -25.58 4.57
N SER B 68 4.71 -24.44 3.93
CA SER B 68 5.73 -23.76 3.14
C SER B 68 5.67 -22.29 3.48
N ALA B 69 6.72 -21.78 4.13
CA ALA B 69 6.78 -20.35 4.39
C ALA B 69 6.87 -19.60 3.07
N ILE B 70 6.20 -18.44 3.00
CA ILE B 70 6.23 -17.67 1.77
C ILE B 70 7.65 -17.21 1.46
N PHE B 71 8.37 -16.73 2.47
CA PHE B 71 9.71 -16.21 2.29
C PHE B 71 10.72 -17.21 2.84
N GLN B 72 11.59 -17.70 1.96
CA GLN B 72 12.58 -18.72 2.29
C GLN B 72 13.98 -18.28 1.86
N PRO B 73 14.48 -17.19 2.44
CA PRO B 73 15.84 -16.75 2.07
C PRO B 73 16.87 -17.80 2.43
N THR B 74 17.86 -17.95 1.55
CA THR B 74 18.96 -18.85 1.87
C THR B 74 19.90 -18.26 2.91
N ASP B 75 19.79 -16.96 3.16
CA ASP B 75 20.62 -16.26 4.14
C ASP B 75 19.70 -15.49 5.08
N PRO B 76 18.90 -16.20 5.89
CA PRO B 76 17.88 -15.50 6.69
C PRO B 76 18.46 -14.57 7.73
N HIS B 77 19.67 -14.84 8.22
CA HIS B 77 20.30 -14.00 9.24
C HIS B 77 21.28 -13.01 8.65
N HIS B 78 21.35 -12.91 7.32
CA HIS B 78 22.16 -11.91 6.61
C HIS B 78 23.64 -12.06 6.95
N HIS B 79 24.11 -13.32 6.89
CA HIS B 79 25.53 -13.61 7.05
C HIS B 79 26.37 -12.95 5.96
N GLN B 80 25.76 -12.61 4.82
CA GLN B 80 26.51 -11.94 3.75
C GLN B 80 26.91 -10.53 4.13
N THR B 81 26.35 -9.97 5.19
CA THR B 81 26.67 -8.63 5.62
C THR B 81 27.76 -8.65 6.68
N GLU B 82 28.66 -7.65 6.63
CA GLU B 82 29.70 -7.47 7.63
C GLU B 82 29.18 -6.64 8.79
N PHE B 83 29.45 -7.09 10.01
CA PHE B 83 29.00 -6.40 11.22
C PHE B 83 30.20 -6.07 12.11
N ALA B 84 30.08 -4.95 12.84
CA ALA B 84 31.01 -4.62 13.91
C ALA B 84 30.30 -4.74 15.23
N LYS B 85 30.99 -5.26 16.25
CA LYS B 85 30.42 -5.36 17.58
C LYS B 85 30.63 -4.07 18.35
N VAL B 86 29.58 -3.62 19.03
CA VAL B 86 29.71 -2.48 19.95
C VAL B 86 30.58 -2.89 21.12
N GLU B 87 31.67 -2.16 21.34
CA GLU B 87 32.66 -2.54 22.34
C GLU B 87 32.01 -2.64 23.72
N GLY B 88 32.30 -3.73 24.44
CA GLY B 88 31.79 -3.95 25.76
C GLY B 88 30.32 -4.31 25.85
N SER B 89 29.62 -4.46 24.71
CA SER B 89 28.18 -4.66 24.74
C SER B 89 27.78 -6.04 25.23
N GLU B 90 28.72 -6.96 25.44
CA GLU B 90 28.36 -8.23 26.05
C GLU B 90 27.83 -8.07 27.46
N LYS B 91 28.09 -6.92 28.09
CA LYS B 91 27.57 -6.68 29.43
C LYS B 91 26.05 -6.51 29.46
N TYR B 92 25.42 -6.32 28.31
CA TYR B 92 23.97 -6.12 28.26
C TYR B 92 23.19 -7.41 28.00
N VAL B 93 23.88 -8.54 27.84
CA VAL B 93 23.22 -9.80 27.50
C VAL B 93 23.73 -10.90 28.42
N GLU B 94 22.89 -11.91 28.63
CA GLU B 94 23.29 -13.08 29.41
C GLU B 94 22.56 -14.30 28.86
N GLU B 95 23.31 -15.32 28.46
CA GLU B 95 22.72 -16.56 28.01
C GLU B 95 22.30 -17.38 29.22
N VAL B 96 21.08 -17.91 29.18
CA VAL B 96 20.54 -18.73 30.27
C VAL B 96 19.87 -19.96 29.67
N GLU B 97 19.53 -20.91 30.54
CA GLU B 97 18.88 -22.15 30.12
C GLU B 97 17.67 -22.37 31.02
N VAL B 98 16.49 -22.37 30.39
CA VAL B 98 15.23 -22.37 31.12
C VAL B 98 14.33 -23.46 30.53
N PHE B 99 13.81 -24.32 31.40
CA PHE B 99 12.97 -25.44 30.98
C PHE B 99 13.58 -26.19 29.80
N GLY B 100 14.90 -26.38 29.87
CA GLY B 100 15.67 -27.15 28.91
C GLY B 100 16.03 -26.46 27.62
N ARG B 101 15.70 -25.17 27.46
CA ARG B 101 15.98 -24.46 26.23
C ARG B 101 16.88 -23.25 26.48
N GLN B 102 17.69 -22.92 25.47
CA GLN B 102 18.61 -21.80 25.57
C GLN B 102 17.85 -20.50 25.34
N ALA B 103 18.03 -19.54 26.24
CA ALA B 103 17.37 -18.25 26.18
C ALA B 103 18.40 -17.14 26.38
N LEU B 104 18.01 -15.91 26.05
CA LEU B 104 18.90 -14.76 26.17
C LEU B 104 18.18 -13.66 26.92
N LYS B 105 18.76 -13.25 28.05
CA LYS B 105 18.31 -12.06 28.77
C LYS B 105 19.00 -10.85 28.17
N VAL B 106 18.22 -9.85 27.76
CA VAL B 106 18.74 -8.65 27.13
C VAL B 106 18.32 -7.44 27.97
N ASN B 107 19.31 -6.71 28.48
CA ASN B 107 19.06 -5.43 29.11
C ASN B 107 18.46 -4.50 28.06
N PRO B 108 17.26 -3.93 28.28
CA PRO B 108 16.64 -3.11 27.23
C PRO B 108 17.44 -1.87 26.87
N GLU B 109 18.37 -1.44 27.73
N GLU B 109 18.37 -1.44 27.73
CA GLU B 109 19.26 -0.35 27.36
CA GLU B 109 19.26 -0.35 27.36
C GLU B 109 20.04 -0.68 26.09
C GLU B 109 20.05 -0.68 26.09
N ALA B 110 20.25 -1.98 25.81
CA ALA B 110 20.91 -2.37 24.57
C ALA B 110 20.12 -1.90 23.35
N LEU B 111 18.79 -1.89 23.46
CA LEU B 111 17.97 -1.40 22.35
C LEU B 111 18.17 0.10 22.14
N THR B 112 18.31 0.85 23.23
CA THR B 112 18.58 2.28 23.12
C THR B 112 19.93 2.54 22.48
N ILE B 113 20.96 1.87 22.99
CA ILE B 113 22.31 2.00 22.44
C ILE B 113 22.33 1.67 20.96
N LEU B 114 21.67 0.58 20.58
CA LEU B 114 21.69 0.13 19.19
C LEU B 114 20.97 1.11 18.27
N ALA B 115 19.77 1.53 18.65
CA ALA B 115 19.02 2.46 17.80
C ALA B 115 19.75 3.79 17.67
N HIS B 116 20.38 4.24 18.74
N HIS B 116 20.38 4.25 18.74
CA HIS B 116 21.14 5.49 18.70
CA HIS B 116 21.13 5.50 18.68
C HIS B 116 22.28 5.41 17.70
C HIS B 116 22.27 5.40 17.66
N ARG B 117 23.06 4.32 17.74
CA ARG B 117 24.18 4.21 16.82
C ARG B 117 23.71 4.01 15.39
N ALA B 118 22.66 3.20 15.21
CA ALA B 118 22.14 2.94 13.86
C ALA B 118 21.69 4.23 13.19
N PHE B 119 20.90 5.04 13.90
CA PHE B 119 20.40 6.27 13.30
C PHE B 119 21.38 7.43 13.41
N SER B 120 22.58 7.19 13.92
CA SER B 120 23.70 8.10 13.75
C SER B 120 24.58 7.70 12.56
N ASP B 121 25.00 6.43 12.51
CA ASP B 121 25.88 5.96 11.45
C ASP B 121 25.25 6.12 10.07
N VAL B 122 23.96 5.85 9.96
CA VAL B 122 23.35 5.71 8.64
C VAL B 122 23.28 7.05 7.91
N HIS B 123 23.42 8.16 8.62
CA HIS B 123 23.35 9.47 7.99
C HIS B 123 24.69 9.96 7.48
N HIS B 124 25.75 9.19 7.66
CA HIS B 124 27.07 9.65 7.25
C HIS B 124 27.80 8.68 6.34
N PHE B 125 27.26 7.48 6.13
CA PHE B 125 27.94 6.44 5.36
C PHE B 125 26.93 5.67 4.53
N PHE B 126 27.44 5.00 3.49
CA PHE B 126 26.60 4.25 2.55
C PHE B 126 27.14 2.84 2.38
N ARG B 127 26.30 1.98 1.80
CA ARG B 127 26.67 0.63 1.42
C ARG B 127 27.50 0.64 0.13
N LYS B 128 28.27 -0.43 -0.04
CA LYS B 128 29.11 -0.57 -1.23
C LYS B 128 28.29 -0.61 -2.51
N ASP B 129 27.16 -1.34 -2.52
CA ASP B 129 26.44 -1.46 -3.78
C ASP B 129 25.88 -0.11 -4.23
N HIS B 130 25.60 0.77 -3.29
CA HIS B 130 25.17 2.14 -3.60
C HIS B 130 26.32 2.96 -4.17
N LEU B 131 27.46 2.97 -3.48
CA LEU B 131 28.61 3.74 -3.94
C LEU B 131 29.12 3.21 -5.28
N GLU B 132 29.16 1.88 -5.45
CA GLU B 132 29.57 1.30 -6.73
C GLU B 132 28.70 1.79 -7.87
N GLY B 133 27.42 2.01 -7.62
CA GLY B 133 26.54 2.51 -8.66
C GLY B 133 26.90 3.91 -9.13
N TRP B 134 27.27 4.79 -8.20
CA TRP B 134 27.70 6.12 -8.59
C TRP B 134 29.02 6.05 -9.36
N ARG B 135 29.95 5.20 -8.93
CA ARG B 135 31.19 5.07 -9.68
C ARG B 135 30.92 4.52 -11.08
N ARG B 136 29.98 3.59 -11.20
N ARG B 136 29.97 3.59 -11.20
CA ARG B 136 29.64 3.04 -12.51
CA ARG B 136 29.62 3.03 -12.50
C ARG B 136 29.10 4.13 -13.43
C ARG B 136 29.07 4.10 -13.44
N ALA B 137 28.30 5.05 -12.90
CA ALA B 137 27.77 6.14 -13.70
C ALA B 137 28.87 7.10 -14.15
N ILE B 138 29.96 7.18 -13.41
CA ILE B 138 31.06 8.06 -13.80
C ILE B 138 31.95 7.38 -14.84
N GLU B 139 32.19 6.09 -14.70
CA GLU B 139 33.18 5.40 -15.53
C GLU B 139 32.60 4.86 -16.83
N ASP B 140 31.30 4.70 -16.93
CA ASP B 140 30.67 4.11 -18.11
C ASP B 140 30.78 5.05 -19.30
N PRO B 141 31.43 4.65 -20.40
CA PRO B 141 31.47 5.53 -21.58
C PRO B 141 30.10 5.86 -22.13
N GLU B 142 29.08 5.03 -21.87
CA GLU B 142 27.72 5.28 -22.35
C GLU B 142 26.93 6.24 -21.47
N ALA B 143 27.44 6.59 -20.29
CA ALA B 143 26.79 7.59 -19.45
C ALA B 143 26.80 8.95 -20.14
N SER B 144 25.74 9.73 -19.90
CA SER B 144 25.71 11.10 -20.39
C SER B 144 26.63 11.99 -19.54
N ASP B 145 26.93 13.17 -20.08
CA ASP B 145 27.67 14.15 -19.28
C ASP B 145 26.93 14.48 -17.99
N ASN B 146 25.60 14.61 -18.07
CA ASN B 146 24.82 14.92 -16.88
C ASN B 146 24.80 13.75 -15.91
N ASP B 147 24.77 12.51 -16.42
CA ASP B 147 24.92 11.33 -15.56
C ASP B 147 26.19 11.44 -14.71
N ARG B 148 27.32 11.73 -15.34
N ARG B 148 27.32 11.73 -15.34
CA ARG B 148 28.59 11.79 -14.61
CA ARG B 148 28.59 11.79 -14.62
C ARG B 148 28.62 12.96 -13.65
C ARG B 148 28.61 12.97 -13.66
N TYR B 149 28.04 14.10 -14.06
CA TYR B 149 28.03 15.28 -13.21
C TYR B 149 27.24 15.03 -11.93
N VAL B 150 26.04 14.45 -12.07
CA VAL B 150 25.21 14.17 -10.89
C VAL B 150 25.89 13.14 -9.99
N ALA B 151 26.41 12.06 -10.57
CA ALA B 151 27.03 11.02 -9.76
C ALA B 151 28.28 11.53 -9.05
N THR B 152 29.08 12.35 -9.73
CA THR B 152 30.25 12.95 -9.09
C THR B 152 29.83 13.85 -7.92
N THR B 153 28.78 14.65 -8.13
CA THR B 153 28.30 15.52 -7.06
C THR B 153 27.83 14.71 -5.86
N LEU B 154 27.10 13.60 -6.10
CA LEU B 154 26.61 12.79 -4.99
C LEU B 154 27.75 12.09 -4.27
N LEU B 155 28.77 11.65 -4.99
CA LEU B 155 29.92 11.05 -4.35
C LEU B 155 30.68 12.07 -3.50
N LYS B 156 30.84 13.29 -4.01
N LYS B 156 30.84 13.29 -4.01
CA LYS B 156 31.50 14.33 -3.22
CA LYS B 156 31.49 14.34 -3.23
C LYS B 156 30.67 14.69 -2.00
C LYS B 156 30.67 14.70 -2.00
N ASN B 157 29.34 14.67 -2.13
CA ASN B 157 28.47 14.87 -0.98
C ASN B 157 28.69 13.79 0.06
N ALA B 158 28.81 12.54 -0.38
CA ALA B 158 29.06 11.44 0.55
C ALA B 158 30.38 11.61 1.28
N CYS B 159 31.39 12.18 0.60
CA CYS B 159 32.67 12.41 1.26
C CYS B 159 32.55 13.42 2.38
N ILE B 160 31.73 14.46 2.18
N ILE B 160 31.72 14.45 2.19
CA ILE B 160 31.49 15.44 3.23
CA ILE B 160 31.51 15.43 3.25
C ILE B 160 30.72 14.81 4.38
C ILE B 160 30.71 14.81 4.38
N ALA B 161 29.68 14.05 4.05
CA ALA B 161 28.87 13.40 5.09
C ALA B 161 29.70 12.45 5.94
N ALA B 162 30.72 11.82 5.34
CA ALA B 162 31.59 10.91 6.08
C ALA B 162 32.39 11.61 7.17
N GLY B 163 32.42 12.95 7.17
CA GLY B 163 33.03 13.69 8.28
C GLY B 163 32.26 13.64 9.57
N ARG B 164 31.07 13.03 9.56
N ARG B 164 31.06 13.05 9.56
CA ARG B 164 30.24 12.80 10.75
CA ARG B 164 30.20 12.79 10.72
C ARG B 164 29.74 14.08 11.39
C ARG B 164 29.57 14.03 11.31
N VAL B 165 29.65 15.17 10.64
CA VAL B 165 29.05 16.42 11.12
C VAL B 165 27.75 16.69 10.39
N LEU B 166 27.82 16.78 9.06
CA LEU B 166 26.64 17.04 8.25
C LEU B 166 26.03 15.73 7.77
N PRO B 167 24.73 15.55 7.86
CA PRO B 167 24.11 14.34 7.30
C PRO B 167 24.09 14.42 5.78
N SER B 168 24.06 13.24 5.15
CA SER B 168 24.13 13.17 3.70
C SER B 168 22.95 13.88 3.02
N CYS B 169 21.77 13.89 3.66
CA CYS B 169 20.64 14.61 3.12
C CYS B 169 19.99 15.44 4.22
N GLN B 170 19.38 16.57 3.83
CA GLN B 170 18.69 17.39 4.81
C GLN B 170 17.47 16.67 5.36
N ASP B 171 16.87 15.78 4.57
N ASP B 171 16.80 15.85 4.55
CA ASP B 171 15.75 14.94 5.00
CA ASP B 171 15.74 15.03 5.12
C ASP B 171 16.33 13.71 5.69
C ASP B 171 16.38 13.80 5.71
N THR B 172 16.49 13.79 7.02
CA THR B 172 17.01 12.66 7.74
C THR B 172 15.94 11.59 7.99
N GLY B 173 14.75 11.77 7.41
CA GLY B 173 13.82 10.69 7.19
C GLY B 173 12.94 10.36 8.38
N THR B 174 12.06 9.39 8.14
CA THR B 174 11.28 8.71 9.15
C THR B 174 12.11 7.55 9.70
N ALA B 175 12.11 7.41 11.02
CA ALA B 175 12.82 6.29 11.64
C ALA B 175 11.94 5.04 11.61
N ILE B 176 12.38 4.01 10.90
CA ILE B 176 11.66 2.75 10.78
C ILE B 176 12.52 1.65 11.38
N VAL B 177 11.91 0.81 12.23
CA VAL B 177 12.58 -0.33 12.83
C VAL B 177 11.78 -1.58 12.49
N LEU B 178 12.41 -2.51 11.78
CA LEU B 178 11.90 -3.87 11.65
C LEU B 178 12.69 -4.71 12.64
N GLY B 179 12.01 -5.25 13.65
CA GLY B 179 12.65 -6.07 14.66
C GLY B 179 12.07 -7.47 14.63
N LYS B 180 12.94 -8.45 14.90
CA LYS B 180 12.51 -9.84 14.97
C LYS B 180 13.02 -10.39 16.31
N ARG B 181 12.13 -10.46 17.29
CA ARG B 181 12.48 -10.90 18.63
C ARG B 181 12.21 -12.39 18.78
N GLY B 182 13.25 -13.16 19.11
CA GLY B 182 13.06 -14.57 19.31
C GLY B 182 12.15 -14.88 20.47
N GLU B 183 11.47 -16.03 20.37
CA GLU B 183 10.61 -16.52 21.45
C GLU B 183 11.29 -16.47 22.79
N LEU B 184 12.59 -16.80 22.83
CA LEU B 184 13.34 -16.89 24.07
C LEU B 184 14.34 -15.74 24.21
N CYS B 185 14.08 -14.63 23.55
CA CYS B 185 14.82 -13.38 23.74
C CYS B 185 13.99 -12.49 24.65
N TRP B 186 14.47 -12.27 25.88
CA TRP B 186 13.69 -11.59 26.91
C TRP B 186 14.29 -10.22 27.22
N THR B 187 13.55 -9.17 26.86
CA THR B 187 13.98 -7.78 26.99
C THR B 187 13.32 -7.04 28.14
N GLY B 188 12.33 -7.64 28.80
CA GLY B 188 11.45 -6.91 29.68
C GLY B 188 10.19 -6.37 29.02
N GLY B 189 10.13 -6.37 27.69
CA GLY B 189 8.92 -6.09 26.95
C GLY B 189 8.68 -4.64 26.58
N GLU B 190 9.49 -3.70 27.09
CA GLU B 190 9.33 -2.29 26.77
C GLU B 190 10.13 -1.87 25.55
N ASP B 191 10.21 -2.75 24.54
CA ASP B 191 11.09 -2.53 23.39
C ASP B 191 10.79 -1.22 22.66
N GLU B 192 9.51 -0.91 22.47
N GLU B 192 9.51 -0.92 22.45
CA GLU B 192 9.17 0.30 21.71
CA GLU B 192 9.14 0.29 21.72
C GLU B 192 9.68 1.55 22.40
C GLU B 192 9.68 1.54 22.40
N LYS B 193 9.55 1.61 23.73
CA LYS B 193 10.02 2.79 24.46
C LYS B 193 11.54 2.91 24.38
N TYR B 194 12.26 1.80 24.58
CA TYR B 194 13.72 1.89 24.59
C TYR B 194 14.28 2.13 23.20
N LEU B 195 13.69 1.53 22.16
CA LEU B 195 14.11 1.86 20.81
C LEU B 195 13.85 3.33 20.51
N SER B 196 12.69 3.84 20.94
CA SER B 196 12.34 5.23 20.67
C SER B 196 13.30 6.19 21.36
N LYS B 197 13.75 5.83 22.58
CA LYS B 197 14.71 6.68 23.28
C LYS B 197 16.02 6.77 22.52
N GLY B 198 16.47 5.65 21.94
CA GLY B 198 17.68 5.68 21.14
C GLY B 198 17.53 6.50 19.89
N ILE B 199 16.37 6.39 19.23
CA ILE B 199 16.07 7.24 18.07
C ILE B 199 16.02 8.70 18.49
N TRP B 200 15.32 8.98 19.58
CA TRP B 200 15.25 10.35 20.11
C TRP B 200 16.63 10.92 20.35
N ASN B 201 17.52 10.13 20.99
CA ASN B 201 18.89 10.58 21.24
C ASN B 201 19.61 10.94 19.93
N ALA B 202 19.49 10.08 18.92
CA ALA B 202 20.19 10.30 17.67
C ALA B 202 19.75 11.60 17.01
N TYR B 203 18.44 11.84 16.96
CA TYR B 203 17.97 13.05 16.28
C TYR B 203 18.13 14.29 17.15
N ARG B 204 18.15 14.13 18.47
CA ARG B 204 18.27 15.30 19.35
C ARG B 204 19.70 15.81 19.43
N TYR B 205 20.67 14.91 19.56
CA TYR B 205 22.04 15.29 19.87
C TYR B 205 22.97 15.28 18.66
N HIS B 206 22.43 15.06 17.47
CA HIS B 206 23.20 15.16 16.23
C HIS B 206 22.51 16.17 15.33
N ASN B 207 23.21 16.55 14.25
CA ASN B 207 22.75 17.62 13.38
C ASN B 207 21.75 17.11 12.34
N LEU B 208 20.69 16.46 12.81
CA LEU B 208 19.68 15.90 11.94
C LEU B 208 18.47 16.85 11.88
N ARG B 209 17.30 16.33 11.53
CA ARG B 209 16.12 17.16 11.32
C ARG B 209 14.89 16.52 11.95
N TYR B 210 14.01 17.35 12.49
CA TYR B 210 12.73 16.90 13.03
C TYR B 210 11.71 17.00 11.92
N SER B 211 11.31 15.86 11.35
CA SER B 211 10.51 15.85 10.14
C SER B 211 9.08 15.36 10.35
N GLN B 212 8.70 14.95 11.56
CA GLN B 212 7.40 14.33 11.76
C GLN B 212 6.35 15.38 12.12
N THR B 213 5.18 15.23 11.52
CA THR B 213 4.09 16.20 11.60
C THR B 213 2.91 15.54 12.31
N ALA B 214 2.59 16.02 13.50
CA ALA B 214 1.48 15.52 14.28
C ALA B 214 0.18 16.20 13.89
N ALA B 215 -0.90 15.44 13.85
CA ALA B 215 -2.23 15.97 13.58
C ALA B 215 -2.93 16.21 14.91
N LEU B 216 -3.12 17.48 15.26
CA LEU B 216 -3.90 17.82 16.45
C LEU B 216 -5.39 17.57 16.21
N ASP B 217 -5.87 17.90 15.01
CA ASP B 217 -7.15 17.39 14.52
C ASP B 217 -6.94 17.03 13.06
N MET B 218 -8.02 16.86 12.30
CA MET B 218 -7.87 16.40 10.91
C MET B 218 -6.95 17.32 10.11
N PHE B 219 -7.02 18.63 10.36
CA PHE B 219 -6.27 19.59 9.55
C PHE B 219 -5.22 20.39 10.32
N LYS B 220 -5.38 20.57 11.62
CA LYS B 220 -4.42 21.34 12.41
C LYS B 220 -3.23 20.47 12.77
N GLU B 221 -2.02 20.93 12.41
CA GLU B 221 -0.82 20.12 12.55
C GLU B 221 0.27 20.89 13.27
N CYS B 222 1.20 20.14 13.85
CA CYS B 222 2.40 20.73 14.41
C CYS B 222 3.55 19.73 14.27
N ASN B 223 4.76 20.26 14.17
CA ASN B 223 5.93 19.40 14.19
C ASN B 223 6.11 18.83 15.59
N THR B 224 6.45 17.53 15.69
CA THR B 224 6.63 16.92 16.99
C THR B 224 7.91 17.38 17.67
N GLY B 225 8.84 17.98 16.92
CA GLY B 225 10.04 18.55 17.49
C GLY B 225 11.12 17.57 17.88
N ASP B 226 10.97 16.28 17.53
CA ASP B 226 11.99 15.30 17.92
C ASP B 226 12.11 14.15 16.93
N ASN B 227 11.46 14.23 15.76
CA ASN B 227 11.39 13.17 14.75
C ASN B 227 10.76 11.88 15.25
N LEU B 228 9.98 11.95 16.32
CA LEU B 228 9.11 10.86 16.70
C LEU B 228 7.68 11.20 16.29
N PRO B 229 6.79 10.20 16.14
CA PRO B 229 6.97 8.77 16.39
C PRO B 229 7.73 8.04 15.29
N ALA B 230 8.38 6.96 15.69
CA ALA B 230 8.98 6.01 14.77
C ALA B 230 7.96 4.96 14.36
N GLN B 231 8.24 4.30 13.24
CA GLN B 231 7.48 3.12 12.84
C GLN B 231 8.20 1.90 13.41
N LEU B 232 7.56 1.22 14.36
CA LEU B 232 8.18 0.13 15.12
C LEU B 232 7.44 -1.18 14.81
N ASP B 233 7.97 -1.96 13.87
N ASP B 233 7.98 -1.96 13.88
CA ASP B 233 7.37 -3.23 13.46
CA ASP B 233 7.37 -3.23 13.47
C ASP B 233 8.19 -4.36 14.09
C ASP B 233 8.19 -4.36 14.09
N LEU B 234 7.72 -4.85 15.23
CA LEU B 234 8.44 -5.87 16.00
C LEU B 234 7.72 -7.21 15.86
N LEU B 235 8.41 -8.18 15.29
CA LEU B 235 7.84 -9.47 14.95
C LEU B 235 8.28 -10.55 15.94
N ALA B 236 7.42 -11.55 16.12
CA ALA B 236 7.71 -12.71 16.97
C ALA B 236 8.24 -13.83 16.09
N VAL B 237 9.45 -14.30 16.38
CA VAL B 237 10.12 -15.30 15.54
C VAL B 237 10.73 -16.40 16.42
N PRO B 238 11.21 -17.50 15.86
CA PRO B 238 11.86 -18.52 16.69
C PRO B 238 13.22 -18.07 17.20
N GLY B 239 13.69 -18.76 18.23
CA GLY B 239 15.05 -18.62 18.71
C GLY B 239 15.18 -17.69 19.91
N SER B 240 16.42 -17.26 20.15
CA SER B 240 16.73 -16.45 21.32
C SER B 240 17.49 -15.17 20.97
N ASP B 241 17.58 -14.81 19.69
CA ASP B 241 18.27 -13.59 19.29
C ASP B 241 17.26 -12.48 18.99
N TYR B 242 17.79 -11.31 18.67
CA TYR B 242 17.00 -10.15 18.26
C TYR B 242 17.66 -9.58 17.02
N GLU B 243 16.96 -9.62 15.88
N GLU B 243 16.97 -9.65 15.89
CA GLU B 243 17.52 -9.17 14.61
CA GLU B 243 17.50 -9.17 14.62
C GLU B 243 16.73 -7.98 14.10
C GLU B 243 16.74 -7.91 14.19
N PHE B 244 17.43 -7.02 13.48
CA PHE B 244 16.87 -5.73 13.12
C PHE B 244 17.24 -5.30 11.70
N LEU B 245 16.35 -4.53 11.09
CA LEU B 245 16.68 -3.67 9.97
C LEU B 245 16.21 -2.27 10.33
N PHE B 246 17.14 -1.32 10.39
CA PHE B 246 16.83 0.08 10.65
C PHE B 246 16.84 0.81 9.32
N ILE B 247 15.82 1.64 9.09
CA ILE B 247 15.72 2.41 7.86
C ILE B 247 15.47 3.86 8.24
N ALA B 248 16.27 4.77 7.71
CA ALA B 248 16.00 6.21 7.81
C ALA B 248 15.43 6.59 6.45
N LYS B 249 14.09 6.60 6.35
CA LYS B 249 13.42 6.63 5.05
C LYS B 249 13.04 8.06 4.69
N GLY B 250 13.60 8.54 3.59
CA GLY B 250 13.25 9.88 3.12
C GLY B 250 11.79 9.98 2.74
N GLY B 251 11.23 11.18 2.95
CA GLY B 251 9.82 11.39 2.64
C GLY B 251 9.50 11.27 1.16
N GLY B 252 10.33 11.86 0.31
CA GLY B 252 10.03 11.84 -1.12
C GLY B 252 10.21 10.48 -1.75
N SER B 253 11.14 9.66 -1.24
N SER B 253 11.14 9.67 -1.23
CA SER B 253 11.21 8.30 -1.75
CA SER B 253 11.26 8.30 -1.70
C SER B 253 10.10 7.44 -1.17
C SER B 253 10.13 7.44 -1.16
N ALA B 254 9.70 7.71 0.07
CA ALA B 254 8.51 7.05 0.62
C ALA B 254 7.28 7.35 -0.23
N ASN B 255 7.21 8.57 -0.79
CA ASN B 255 6.08 8.94 -1.63
C ASN B 255 6.06 8.18 -2.95
N LYS B 256 7.20 7.66 -3.39
CA LYS B 256 7.28 6.86 -4.60
C LYS B 256 7.17 5.37 -4.29
N ALA B 257 6.30 5.03 -3.35
CA ALA B 257 5.87 3.66 -3.10
C ALA B 257 4.43 3.60 -3.58
N TYR B 258 4.21 2.85 -4.65
CA TYR B 258 2.93 2.83 -5.36
C TYR B 258 2.32 1.44 -5.32
N LEU B 259 1.00 1.40 -5.15
CA LEU B 259 0.23 0.16 -5.18
C LEU B 259 -0.72 0.16 -6.37
N TYR B 260 -0.68 -0.91 -7.16
CA TYR B 260 -1.59 -1.08 -8.29
C TYR B 260 -2.44 -2.32 -8.07
N GLN B 261 -3.71 -2.25 -8.43
CA GLN B 261 -4.60 -3.40 -8.35
C GLN B 261 -4.85 -3.89 -9.76
N GLU B 262 -4.18 -4.98 -10.13
CA GLU B 262 -4.15 -5.47 -11.49
C GLU B 262 -4.89 -6.81 -11.59
N THR B 263 -4.79 -7.45 -12.75
CA THR B 263 -5.52 -8.68 -13.03
C THR B 263 -4.64 -9.64 -13.78
N LYS B 264 -5.17 -10.85 -13.97
CA LYS B 264 -4.54 -11.87 -14.79
C LYS B 264 -4.18 -11.36 -16.18
N ALA B 265 -4.92 -10.36 -16.69
CA ALA B 265 -4.62 -9.82 -18.01
C ALA B 265 -3.23 -9.19 -18.09
N LEU B 266 -2.66 -8.80 -16.94
CA LEU B 266 -1.30 -8.27 -16.91
C LEU B 266 -0.24 -9.36 -17.05
N LEU B 267 -0.57 -10.60 -16.69
CA LEU B 267 0.44 -11.62 -16.46
C LEU B 267 0.77 -12.35 -17.77
N ASN B 268 1.37 -11.60 -18.68
CA ASN B 268 1.97 -12.14 -19.89
C ASN B 268 3.14 -11.23 -20.25
N PRO B 269 4.11 -11.73 -21.03
CA PRO B 269 5.33 -10.92 -21.26
C PRO B 269 5.08 -9.57 -21.88
N LYS B 270 4.22 -9.48 -22.89
CA LYS B 270 4.00 -8.20 -23.55
C LYS B 270 3.32 -7.20 -22.63
N SER B 271 2.29 -7.63 -21.91
CA SER B 271 1.57 -6.71 -21.03
C SER B 271 2.45 -6.25 -19.87
N LEU B 272 3.24 -7.16 -19.28
CA LEU B 272 4.05 -6.79 -18.13
C LEU B 272 5.17 -5.83 -18.52
N ARG B 273 5.80 -6.06 -19.68
N ARG B 273 5.77 -6.04 -19.69
CA ARG B 273 6.82 -5.15 -20.16
CA ARG B 273 6.83 -5.12 -20.13
C ARG B 273 6.26 -3.74 -20.35
C ARG B 273 6.29 -3.72 -20.38
N ALA B 274 5.11 -3.63 -21.00
CA ALA B 274 4.50 -2.32 -21.23
C ALA B 274 4.11 -1.65 -19.91
N PHE B 275 3.61 -2.45 -18.96
CA PHE B 275 3.27 -1.94 -17.64
C PHE B 275 4.51 -1.34 -16.96
N ILE B 276 5.62 -2.07 -17.00
CA ILE B 276 6.85 -1.59 -16.37
C ILE B 276 7.30 -0.28 -17.00
N GLU B 277 7.27 -0.21 -18.34
N GLU B 277 7.28 -0.20 -18.33
CA GLU B 277 7.67 1.02 -19.02
CA GLU B 277 7.68 1.04 -18.99
C GLU B 277 6.80 2.20 -18.59
C GLU B 277 6.80 2.21 -18.56
N GLU B 278 5.48 1.98 -18.49
CA GLU B 278 4.57 3.05 -18.11
C GLU B 278 4.79 3.49 -16.67
N LYS B 279 4.91 2.54 -15.74
CA LYS B 279 4.96 2.91 -14.33
C LYS B 279 6.31 3.50 -13.95
N LEU B 280 7.41 3.04 -14.54
N LEU B 280 7.41 3.04 -14.54
CA LEU B 280 8.72 3.62 -14.22
CA LEU B 280 8.70 3.61 -14.19
C LEU B 280 8.74 5.11 -14.51
C LEU B 280 8.79 5.09 -14.54
N LYS B 281 8.10 5.53 -15.61
N LYS B 281 8.09 5.51 -15.60
CA LYS B 281 8.07 6.94 -15.94
CA LYS B 281 8.06 6.93 -15.95
C LYS B 281 7.34 7.76 -14.88
C LYS B 281 7.36 7.75 -14.87
N THR B 282 6.37 7.16 -14.18
CA THR B 282 5.67 7.90 -13.14
C THR B 282 6.53 8.14 -11.91
N LEU B 283 7.64 7.41 -11.75
CA LEU B 283 8.60 7.75 -10.71
C LEU B 283 9.29 9.08 -11.00
N GLY B 284 9.51 9.38 -12.28
CA GLY B 284 10.18 10.60 -12.69
C GLY B 284 11.53 10.74 -12.00
N THR B 285 11.95 11.99 -11.84
CA THR B 285 13.15 12.29 -11.06
C THR B 285 12.81 12.82 -9.68
N ALA B 286 11.57 12.60 -9.23
CA ALA B 286 11.08 13.24 -8.01
C ALA B 286 11.66 12.64 -6.74
N ALA B 287 12.34 11.50 -6.82
CA ALA B 287 12.95 10.91 -5.62
C ALA B 287 14.46 10.73 -5.79
N CYS B 288 15.11 11.64 -6.51
CA CYS B 288 16.56 11.74 -6.58
C CYS B 288 17.23 10.46 -7.06
N PRO B 289 17.00 10.05 -8.30
CA PRO B 289 17.73 8.90 -8.85
C PRO B 289 19.21 9.22 -8.99
N PRO B 290 20.06 8.21 -9.26
CA PRO B 290 19.80 6.79 -9.55
C PRO B 290 19.03 6.05 -8.47
N TYR B 291 18.05 5.25 -8.88
CA TYR B 291 17.17 4.51 -7.98
C TYR B 291 17.66 3.09 -7.78
N HIS B 292 17.43 2.56 -6.58
CA HIS B 292 17.25 1.12 -6.41
C HIS B 292 15.78 0.86 -6.64
N ILE B 293 15.44 0.19 -7.74
CA ILE B 293 14.05 -0.02 -8.13
C ILE B 293 13.60 -1.40 -7.65
N ALA B 294 12.48 -1.44 -6.93
CA ALA B 294 11.88 -2.69 -6.49
C ALA B 294 10.48 -2.83 -7.05
N LEU B 295 10.17 -4.03 -7.55
CA LEU B 295 8.88 -4.37 -8.15
C LEU B 295 8.41 -5.68 -7.57
N VAL B 296 7.18 -5.68 -7.04
CA VAL B 296 6.60 -6.87 -6.43
C VAL B 296 5.32 -7.19 -7.17
N ILE B 297 5.25 -8.38 -7.76
N ILE B 297 5.22 -8.39 -7.74
CA ILE B 297 4.10 -8.85 -8.52
CA ILE B 297 4.07 -8.81 -8.52
C ILE B 297 3.39 -9.88 -7.65
C ILE B 297 3.35 -9.89 -7.74
N GLY B 298 2.16 -9.57 -7.25
CA GLY B 298 1.40 -10.47 -6.41
C GLY B 298 1.48 -10.08 -4.94
N GLY B 299 0.90 -10.94 -4.11
CA GLY B 299 0.88 -10.74 -2.67
C GLY B 299 -0.44 -11.17 -2.09
N THR B 300 -0.43 -11.46 -0.79
CA THR B 300 -1.62 -11.94 -0.09
C THR B 300 -2.53 -10.80 0.36
N SER B 301 -2.06 -9.55 0.29
CA SER B 301 -2.84 -8.36 0.61
C SER B 301 -2.05 -7.16 0.14
N ALA B 302 -2.74 -6.02 0.00
CA ALA B 302 -2.07 -4.78 -0.36
C ALA B 302 -0.95 -4.46 0.61
N GLU B 303 -1.23 -4.57 1.91
CA GLU B 303 -0.22 -4.21 2.89
C GLU B 303 0.97 -5.16 2.84
N MET B 304 0.73 -6.44 2.53
CA MET B 304 1.82 -7.39 2.41
C MET B 304 2.67 -7.11 1.17
N THR B 305 2.01 -6.77 0.05
CA THR B 305 2.74 -6.38 -1.15
C THR B 305 3.62 -5.15 -0.89
N MET B 306 3.06 -4.15 -0.21
CA MET B 306 3.82 -2.91 0.00
C MET B 306 4.94 -3.10 1.02
N LYS B 307 4.72 -3.93 2.06
CA LYS B 307 5.82 -4.26 2.93
C LYS B 307 6.94 -4.97 2.16
N THR B 308 6.57 -5.90 1.29
CA THR B 308 7.57 -6.66 0.55
C THR B 308 8.38 -5.75 -0.38
N VAL B 309 7.71 -4.80 -1.04
CA VAL B 309 8.45 -3.95 -1.97
C VAL B 309 9.39 -3.00 -1.23
N LYS B 310 8.99 -2.55 -0.04
CA LYS B 310 9.89 -1.77 0.80
C LYS B 310 11.14 -2.57 1.13
N LEU B 311 10.96 -3.78 1.64
CA LEU B 311 12.11 -4.60 2.03
C LEU B 311 12.96 -4.95 0.82
N ALA B 312 12.33 -5.22 -0.32
CA ALA B 312 13.09 -5.50 -1.54
C ALA B 312 13.99 -4.33 -1.92
N SER B 313 13.48 -3.10 -1.79
CA SER B 313 14.27 -1.93 -2.13
C SER B 313 15.45 -1.74 -1.20
N CYS B 314 15.38 -2.28 0.02
CA CYS B 314 16.49 -2.31 0.96
C CYS B 314 17.42 -3.51 0.75
N ARG B 315 17.19 -4.29 -0.31
CA ARG B 315 17.97 -5.50 -0.62
C ARG B 315 17.90 -6.53 0.52
N TYR B 316 16.81 -6.47 1.29
CA TYR B 316 16.59 -7.38 2.40
C TYR B 316 16.27 -8.80 1.94
N TYR B 317 15.73 -8.95 0.74
CA TYR B 317 15.32 -10.24 0.21
C TYR B 317 16.24 -10.74 -0.89
N ASP B 318 17.50 -10.30 -0.91
CA ASP B 318 18.38 -10.66 -2.02
C ASP B 318 18.61 -12.16 -2.10
N SER B 319 18.51 -12.89 -0.97
CA SER B 319 18.85 -14.31 -0.95
C SER B 319 17.63 -15.21 -1.13
N LEU B 320 16.49 -14.67 -1.59
CA LEU B 320 15.33 -15.51 -1.88
C LEU B 320 15.66 -16.53 -2.96
N PRO B 321 14.92 -17.64 -3.03
CA PRO B 321 15.05 -18.53 -4.19
C PRO B 321 14.73 -17.76 -5.46
N THR B 322 15.17 -18.32 -6.59
CA THR B 322 14.91 -17.70 -7.89
C THR B 322 13.95 -18.50 -8.74
N THR B 323 13.29 -19.50 -8.16
CA THR B 323 12.23 -20.26 -8.82
C THR B 323 11.07 -20.43 -7.87
N GLY B 324 9.86 -20.50 -8.43
CA GLY B 324 8.67 -20.79 -7.66
C GLY B 324 8.42 -22.28 -7.52
N ASP B 325 7.35 -22.62 -6.81
CA ASP B 325 6.95 -24.01 -6.66
C ASP B 325 5.45 -24.09 -6.43
N LYS B 326 4.95 -25.33 -6.34
CA LYS B 326 3.51 -25.55 -6.23
C LYS B 326 2.94 -25.13 -4.88
N TYR B 327 3.79 -24.76 -3.92
CA TYR B 327 3.34 -24.28 -2.62
C TYR B 327 3.28 -22.75 -2.56
N GLY B 328 3.68 -22.08 -3.64
CA GLY B 328 3.52 -20.64 -3.70
C GLY B 328 4.61 -19.82 -3.05
N ARG B 329 5.82 -20.37 -2.90
CA ARG B 329 6.86 -19.60 -2.24
C ARG B 329 7.24 -18.37 -3.07
N ALA B 330 7.65 -17.32 -2.38
CA ALA B 330 8.17 -16.13 -3.04
C ALA B 330 9.49 -16.44 -3.74
N PHE B 331 9.75 -15.72 -4.84
CA PHE B 331 11.05 -15.84 -5.45
C PHE B 331 11.46 -14.54 -6.12
N ARG B 332 12.78 -14.30 -6.13
N ARG B 332 12.78 -14.35 -6.21
CA ARG B 332 13.35 -13.26 -6.97
CA ARG B 332 13.38 -13.25 -6.95
C ARG B 332 13.38 -13.74 -8.41
C ARG B 332 13.58 -13.67 -8.41
N ASP B 333 13.17 -12.81 -9.34
CA ASP B 333 13.17 -13.13 -10.77
C ASP B 333 14.27 -12.37 -11.49
N PRO B 334 15.46 -12.97 -11.64
CA PRO B 334 16.56 -12.25 -12.29
C PRO B 334 16.29 -11.84 -13.73
N GLU B 335 15.52 -12.65 -14.47
CA GLU B 335 15.21 -12.29 -15.84
C GLU B 335 14.46 -10.98 -15.91
N TRP B 336 13.48 -10.78 -15.02
CA TRP B 336 12.70 -9.56 -15.06
C TRP B 336 13.41 -8.40 -14.36
N GLU B 337 14.35 -8.67 -13.47
CA GLU B 337 15.23 -7.60 -13.01
C GLU B 337 16.03 -7.02 -14.16
N LYS B 338 16.56 -7.89 -15.03
CA LYS B 338 17.30 -7.41 -16.19
C LYS B 338 16.40 -6.61 -17.12
N ILE B 339 15.14 -7.02 -17.28
CA ILE B 339 14.22 -6.28 -18.11
C ILE B 339 13.93 -4.90 -17.50
N VAL B 340 13.73 -4.85 -16.18
CA VAL B 340 13.52 -3.56 -15.52
C VAL B 340 14.71 -2.64 -15.79
N MET B 341 15.93 -3.16 -15.68
CA MET B 341 17.12 -2.35 -15.92
C MET B 341 17.22 -1.92 -17.37
N GLU B 342 16.84 -2.80 -18.31
N GLU B 342 16.85 -2.80 -18.32
CA GLU B 342 16.82 -2.40 -19.72
CA GLU B 342 16.82 -2.40 -19.72
C GLU B 342 15.85 -1.26 -19.96
C GLU B 342 15.85 -1.26 -19.96
N VAL B 343 14.65 -1.36 -19.37
CA VAL B 343 13.67 -0.28 -19.50
C VAL B 343 14.22 1.01 -18.88
N ALA B 344 14.84 0.91 -17.70
CA ALA B 344 15.36 2.10 -17.04
C ALA B 344 16.46 2.76 -17.87
N GLN B 345 17.36 1.97 -18.43
CA GLN B 345 18.45 2.52 -19.23
C GLN B 345 17.92 3.13 -20.53
N LYS B 346 17.04 2.41 -21.22
CA LYS B 346 16.54 2.89 -22.50
C LYS B 346 15.56 4.04 -22.36
N SER B 347 15.04 4.30 -21.15
CA SER B 347 14.13 5.41 -20.96
C SER B 347 14.78 6.76 -21.27
N GLY B 348 16.10 6.83 -21.14
CA GLY B 348 16.78 8.10 -21.29
C GLY B 348 16.59 9.08 -20.15
N ILE B 349 15.85 8.70 -19.10
CA ILE B 349 15.61 9.63 -18.00
C ILE B 349 16.91 9.97 -17.28
N GLY B 350 17.76 8.97 -17.07
CA GLY B 350 19.09 9.21 -16.55
C GLY B 350 19.12 9.53 -15.07
N ALA B 351 20.33 9.87 -14.61
CA ALA B 351 20.57 10.27 -13.23
C ALA B 351 20.15 11.74 -13.08
N GLN B 352 18.83 11.95 -13.11
CA GLN B 352 18.12 13.20 -12.85
C GLN B 352 18.00 14.15 -14.04
N PHE B 353 18.94 14.14 -14.99
CA PHE B 353 18.92 15.17 -16.04
C PHE B 353 19.25 14.57 -17.40
N GLY B 354 18.79 13.35 -17.65
CA GLY B 354 18.94 12.74 -18.95
C GLY B 354 20.16 11.85 -19.05
N GLY B 355 19.97 10.63 -19.50
CA GLY B 355 21.11 9.75 -19.67
C GLY B 355 20.70 8.29 -19.49
N LYS B 356 21.67 7.52 -18.99
CA LYS B 356 21.53 6.07 -18.87
C LYS B 356 21.23 5.63 -17.45
N TYR B 357 21.56 6.44 -16.45
CA TYR B 357 21.63 5.96 -15.07
C TYR B 357 20.43 6.37 -14.22
N PHE B 358 19.23 6.09 -14.77
CA PHE B 358 18.00 6.18 -14.00
C PHE B 358 18.02 5.24 -12.79
N ALA B 359 18.67 4.07 -12.92
CA ALA B 359 18.63 3.05 -11.88
C ALA B 359 20.02 2.50 -11.59
N HIS B 360 20.29 2.31 -10.29
CA HIS B 360 21.45 1.56 -9.84
C HIS B 360 21.31 0.08 -10.19
N GLN B 361 20.16 -0.49 -9.83
CA GLN B 361 19.91 -1.93 -9.88
C GLN B 361 18.42 -2.12 -9.62
N ALA B 362 17.96 -3.35 -9.84
CA ALA B 362 16.55 -3.68 -9.74
C ALA B 362 16.36 -4.96 -8.96
N ARG B 363 15.25 -5.02 -8.22
CA ARG B 363 14.81 -6.22 -7.52
C ARG B 363 13.37 -6.51 -7.91
N VAL B 364 13.11 -7.72 -8.36
CA VAL B 364 11.76 -8.14 -8.75
C VAL B 364 11.41 -9.40 -7.96
N ILE B 365 10.33 -9.32 -7.19
N ILE B 365 10.33 -9.32 -7.19
CA ILE B 365 9.87 -10.46 -6.38
CA ILE B 365 9.85 -10.44 -6.38
C ILE B 365 8.48 -10.85 -6.85
C ILE B 365 8.48 -10.84 -6.88
N ARG B 366 8.31 -12.14 -7.14
CA ARG B 366 7.01 -12.69 -7.52
C ARG B 366 6.42 -13.38 -6.31
N LEU B 367 5.18 -13.07 -6.00
CA LEU B 367 4.47 -13.57 -4.82
C LEU B 367 3.22 -14.35 -5.22
N PRO B 368 2.73 -15.23 -4.34
CA PRO B 368 1.44 -15.87 -4.57
C PRO B 368 0.32 -14.84 -4.52
N ARG B 369 -0.84 -15.26 -5.03
CA ARG B 369 -1.99 -14.36 -5.07
C ARG B 369 -3.28 -15.16 -5.00
N HIS B 370 -4.30 -14.54 -4.40
CA HIS B 370 -5.66 -15.03 -4.55
C HIS B 370 -6.04 -14.99 -6.03
N GLY B 371 -6.77 -16.02 -6.49
CA GLY B 371 -7.12 -16.10 -7.90
C GLY B 371 -7.79 -14.85 -8.44
N ALA B 372 -8.55 -14.15 -7.59
CA ALA B 372 -9.24 -12.93 -8.01
C ALA B 372 -8.37 -11.68 -7.98
N SER B 373 -7.14 -11.77 -7.47
CA SER B 373 -6.35 -10.60 -7.09
C SER B 373 -4.98 -10.60 -7.74
N CYS B 374 -4.47 -9.40 -8.00
CA CYS B 374 -3.08 -9.24 -8.41
C CYS B 374 -2.59 -7.86 -7.97
N PRO B 375 -2.33 -7.69 -6.69
CA PRO B 375 -1.68 -6.45 -6.23
C PRO B 375 -0.27 -6.38 -6.77
N VAL B 376 0.17 -5.16 -7.08
CA VAL B 376 1.52 -4.92 -7.59
C VAL B 376 2.09 -3.73 -6.84
N GLY B 377 3.33 -3.85 -6.38
CA GLY B 377 4.00 -2.76 -5.69
C GLY B 377 5.22 -2.31 -6.45
N LEU B 378 5.43 -1.00 -6.50
CA LEU B 378 6.62 -0.39 -7.09
C LEU B 378 7.16 0.64 -6.10
N ALA B 379 8.46 0.57 -5.84
CA ALA B 379 9.05 1.51 -4.88
C ALA B 379 10.53 1.68 -5.19
N VAL B 380 11.11 2.76 -4.69
CA VAL B 380 12.52 3.04 -4.90
C VAL B 380 13.21 3.28 -3.56
N SER B 381 14.51 3.04 -3.55
CA SER B 381 15.40 3.68 -2.59
C SER B 381 16.17 4.78 -3.34
N CYS B 382 16.22 5.97 -2.72
CA CYS B 382 16.73 7.18 -3.37
C CYS B 382 18.23 7.34 -3.13
N SER B 383 18.76 8.50 -3.53
CA SER B 383 20.18 8.79 -3.31
C SER B 383 20.55 8.73 -1.84
N ALA B 384 19.61 9.07 -0.95
CA ALA B 384 19.81 8.90 0.50
C ALA B 384 19.39 7.49 0.90
N ASP B 385 20.17 6.54 0.39
CA ASP B 385 19.93 5.11 0.57
C ASP B 385 20.44 4.73 1.95
N ARG B 386 19.53 4.60 2.92
CA ARG B 386 19.89 4.56 4.34
C ARG B 386 19.20 3.41 5.05
N GLN B 387 19.90 2.29 5.18
CA GLN B 387 19.43 1.19 6.01
C GLN B 387 20.64 0.51 6.65
N ILE B 388 20.40 -0.11 7.80
N ILE B 388 20.40 -0.08 7.82
CA ILE B 388 21.50 -0.76 8.51
CA ILE B 388 21.44 -0.74 8.60
C ILE B 388 20.97 -1.98 9.26
C ILE B 388 20.86 -2.01 9.20
N LEU B 389 21.52 -3.13 8.95
CA LEU B 389 21.14 -4.38 9.61
C LEU B 389 21.84 -4.46 10.97
N ALA B 390 21.24 -5.20 11.90
CA ALA B 390 21.84 -5.33 13.22
C ALA B 390 21.27 -6.56 13.89
N HIS B 391 21.99 -7.03 14.92
CA HIS B 391 21.41 -8.10 15.73
C HIS B 391 22.03 -8.10 17.11
N ILE B 392 21.28 -8.61 18.07
CA ILE B 392 21.75 -8.83 19.43
C ILE B 392 21.75 -10.32 19.68
N ASN B 393 22.87 -10.84 20.18
CA ASN B 393 22.99 -12.27 20.50
C ASN B 393 23.79 -12.41 21.79
N LYS B 394 24.19 -13.65 22.09
CA LYS B 394 24.89 -13.92 23.35
C LYS B 394 26.23 -13.22 23.44
N SER B 395 26.77 -12.73 22.32
N SER B 395 26.77 -12.74 22.32
CA SER B 395 28.05 -12.04 22.30
CA SER B 395 28.05 -12.04 22.32
C SER B 395 27.92 -10.53 22.37
C SER B 395 27.89 -10.54 22.51
N GLY B 396 26.72 -9.98 22.23
CA GLY B 396 26.53 -8.55 22.34
C GLY B 396 25.74 -7.92 21.20
N ILE B 397 26.05 -6.66 20.89
CA ILE B 397 25.32 -5.86 19.91
C ILE B 397 26.17 -5.76 18.66
N TYR B 398 25.62 -6.19 17.52
CA TYR B 398 26.32 -6.15 16.24
C TYR B 398 25.56 -5.22 15.29
N ILE B 399 26.30 -4.37 14.58
N ILE B 399 26.31 -4.39 14.58
CA ILE B 399 25.71 -3.41 13.68
CA ILE B 399 25.75 -3.39 13.68
C ILE B 399 26.43 -3.46 12.34
C ILE B 399 26.44 -3.49 12.33
N GLU B 400 25.66 -3.40 11.26
CA GLU B 400 26.23 -3.49 9.91
C GLU B 400 27.29 -2.42 9.70
N GLN B 401 28.41 -2.82 9.10
CA GLN B 401 29.52 -1.91 8.81
C GLN B 401 29.30 -1.28 7.44
N LEU B 402 29.15 0.04 7.40
CA LEU B 402 29.02 0.77 6.16
C LEU B 402 30.40 1.26 5.70
N GLU B 403 30.46 1.85 4.51
CA GLU B 403 31.74 2.25 3.93
C GLU B 403 32.16 3.60 4.51
N GLN B 404 33.27 3.61 5.25
CA GLN B 404 33.68 4.83 5.90
C GLN B 404 34.64 5.67 5.07
N ASN B 405 35.08 5.17 3.91
CA ASN B 405 35.96 5.90 3.01
C ASN B 405 35.36 5.92 1.60
N PRO B 406 34.27 6.68 1.42
CA PRO B 406 33.66 6.76 0.08
C PRO B 406 34.55 7.41 -0.96
N ALA B 407 35.58 8.16 -0.57
CA ALA B 407 36.42 8.84 -1.54
C ALA B 407 37.13 7.86 -2.47
N GLN B 408 37.31 6.60 -2.05
CA GLN B 408 37.96 5.62 -2.91
C GLN B 408 37.13 5.31 -4.15
N TYR B 409 35.84 5.67 -4.15
CA TYR B 409 34.98 5.43 -5.30
C TYR B 409 35.01 6.55 -6.32
N LEU B 410 35.69 7.66 -6.02
CA LEU B 410 35.79 8.68 -7.06
C LEU B 410 36.97 8.38 -7.97
N PRO B 411 36.77 8.33 -9.30
CA PRO B 411 37.85 8.02 -10.23
C PRO B 411 38.91 9.12 -10.27
N SER B 422 28.78 26.60 -17.74
N SER B 422 29.04 26.60 -17.05
CA SER B 422 27.68 27.06 -16.89
CA SER B 422 27.74 27.11 -16.61
C SER B 422 27.56 28.58 -16.92
C SER B 422 27.55 28.57 -17.02
N VAL B 423 26.33 29.07 -16.80
CA VAL B 423 26.02 30.49 -16.92
C VAL B 423 25.89 31.06 -15.52
N LYS B 424 26.68 32.08 -15.20
N LYS B 424 26.68 32.08 -15.20
CA LYS B 424 26.61 32.72 -13.90
CA LYS B 424 26.62 32.73 -13.90
C LYS B 424 25.41 33.66 -13.84
C LYS B 424 25.42 33.65 -13.84
N VAL B 425 24.57 33.46 -12.83
CA VAL B 425 23.34 34.22 -12.68
C VAL B 425 23.41 34.98 -11.36
N ASP B 426 23.46 36.31 -11.47
CA ASP B 426 23.50 37.20 -10.31
C ASP B 426 22.07 37.44 -9.85
N LEU B 427 21.73 36.98 -8.65
CA LEU B 427 20.40 37.19 -8.11
C LEU B 427 20.24 38.54 -7.42
N LYS B 428 21.34 39.26 -7.17
CA LYS B 428 21.31 40.53 -6.47
C LYS B 428 20.87 41.65 -7.40
N ARG B 429 19.75 41.44 -8.09
N ARG B 429 19.74 41.45 -8.07
CA ARG B 429 19.17 42.38 -9.04
CA ARG B 429 19.16 42.36 -9.05
C ARG B 429 17.65 42.36 -8.88
C ARG B 429 17.64 42.37 -8.86
N PRO B 430 16.93 43.32 -9.46
CA PRO B 430 15.47 43.17 -9.53
C PRO B 430 15.11 41.87 -10.22
N ILE B 431 14.05 41.22 -9.73
CA ILE B 431 13.72 39.88 -10.23
C ILE B 431 13.45 39.90 -11.74
N ASP B 432 12.96 41.03 -12.26
CA ASP B 432 12.70 41.07 -13.69
C ASP B 432 13.98 40.98 -14.50
N LYS B 433 15.09 41.49 -13.96
CA LYS B 433 16.37 41.36 -14.66
C LYS B 433 16.88 39.93 -14.64
N VAL B 434 16.63 39.20 -13.55
CA VAL B 434 16.98 37.79 -13.50
C VAL B 434 16.14 37.01 -14.51
N ARG B 435 14.83 37.29 -14.57
CA ARG B 435 13.99 36.64 -15.55
C ARG B 435 14.47 36.92 -16.98
N GLN B 436 14.87 38.17 -17.24
CA GLN B 436 15.35 38.51 -18.58
C GLN B 436 16.59 37.70 -18.94
N GLN B 437 17.53 37.55 -18.00
CA GLN B 437 18.73 36.77 -18.30
C GLN B 437 18.37 35.31 -18.56
N LEU B 438 17.52 34.72 -17.71
CA LEU B 438 17.15 33.32 -17.90
C LEU B 438 16.46 33.10 -19.24
N SER B 439 15.70 34.10 -19.71
N SER B 439 15.70 34.10 -19.71
CA SER B 439 14.97 33.94 -20.96
CA SER B 439 14.97 33.96 -20.96
C SER B 439 15.90 33.81 -22.16
C SER B 439 15.90 33.80 -22.16
N GLN B 440 17.18 34.13 -22.01
CA GLN B 440 18.14 34.04 -23.11
C GLN B 440 18.64 32.62 -23.34
N TYR B 441 18.24 31.66 -22.52
CA TYR B 441 18.84 30.32 -22.56
C TYR B 441 17.78 29.24 -22.71
N PRO B 442 18.12 28.14 -23.37
CA PRO B 442 17.19 27.03 -23.50
C PRO B 442 17.16 26.14 -22.27
N VAL B 443 16.10 25.33 -22.17
CA VAL B 443 16.07 24.35 -21.11
C VAL B 443 17.24 23.38 -21.29
N GLY B 444 17.75 22.88 -20.16
CA GLY B 444 18.97 22.09 -20.15
C GLY B 444 20.23 22.88 -19.87
N THR B 445 20.17 24.20 -19.91
CA THR B 445 21.32 25.03 -19.60
C THR B 445 21.67 24.93 -18.12
N ARG B 446 22.95 24.71 -17.83
N ARG B 446 22.95 24.74 -17.81
CA ARG B 446 23.44 24.76 -16.47
CA ARG B 446 23.39 24.71 -16.42
C ARG B 446 23.65 26.20 -16.04
C ARG B 446 23.75 26.12 -15.97
N VAL B 447 23.22 26.52 -14.82
CA VAL B 447 23.40 27.85 -14.27
C VAL B 447 24.04 27.76 -12.89
N MET B 448 24.65 28.86 -12.46
N MET B 448 24.67 28.86 -12.49
CA MET B 448 25.23 28.98 -11.13
CA MET B 448 25.24 29.00 -11.15
C MET B 448 24.68 30.25 -10.48
C MET B 448 24.63 30.24 -10.51
N LEU B 449 23.93 30.08 -9.40
CA LEU B 449 23.20 31.16 -8.76
C LEU B 449 24.03 31.80 -7.65
N ASN B 450 23.98 33.13 -7.58
CA ASN B 450 24.71 33.90 -6.57
C ASN B 450 23.80 34.99 -6.04
N GLY B 451 23.39 34.88 -4.78
CA GLY B 451 22.55 35.89 -4.17
C GLY B 451 21.54 35.33 -3.21
N THR B 452 20.42 36.03 -3.04
CA THR B 452 19.41 35.66 -2.05
C THR B 452 18.40 34.67 -2.63
N LEU B 453 18.08 33.65 -1.84
CA LEU B 453 16.95 32.77 -2.11
C LEU B 453 15.98 32.86 -0.95
N ILE B 454 14.68 32.88 -1.27
CA ILE B 454 13.63 32.75 -0.26
C ILE B 454 13.16 31.30 -0.27
N VAL B 455 13.10 30.69 0.92
CA VAL B 455 12.88 29.26 1.07
C VAL B 455 11.49 29.01 1.61
N ALA B 456 10.72 28.17 0.93
CA ALA B 456 9.35 27.88 1.36
C ALA B 456 8.92 26.54 0.74
N ARG B 457 8.24 25.71 1.54
CA ARG B 457 7.73 24.45 0.99
C ARG B 457 6.26 24.25 1.33
N ASP B 458 5.83 23.03 1.69
CA ASP B 458 4.42 22.65 1.59
C ASP B 458 3.52 23.52 2.48
N ILE B 459 3.82 23.58 3.78
CA ILE B 459 2.90 24.26 4.69
C ILE B 459 2.91 25.76 4.43
N ALA B 460 4.09 26.33 4.17
CA ALA B 460 4.17 27.76 3.89
C ALA B 460 3.35 28.12 2.67
N HIS B 461 3.42 27.31 1.60
CA HIS B 461 2.60 27.58 0.42
C HIS B 461 1.12 27.50 0.76
N ALA B 462 0.72 26.50 1.55
CA ALA B 462 -0.70 26.39 1.93
C ALA B 462 -1.15 27.59 2.75
N LYS B 463 -0.30 28.05 3.67
N LYS B 463 -0.29 28.07 3.66
CA LYS B 463 -0.65 29.23 4.46
CA LYS B 463 -0.66 29.22 4.48
C LYS B 463 -0.78 30.47 3.60
C LYS B 463 -0.76 30.48 3.63
N ILE B 464 0.13 30.63 2.63
CA ILE B 464 0.09 31.82 1.79
C ILE B 464 -1.13 31.80 0.88
N LYS B 465 -1.50 30.63 0.35
CA LYS B 465 -2.73 30.54 -0.44
C LYS B 465 -3.93 30.93 0.43
N GLU B 466 -3.97 30.46 1.67
CA GLU B 466 -5.09 30.78 2.56
C GLU B 466 -5.15 32.28 2.83
N MET B 467 -4.00 32.92 3.02
CA MET B 467 -3.96 34.37 3.20
C MET B 467 -4.57 35.08 2.01
N MET B 468 -4.16 34.69 0.80
N MET B 468 -4.16 34.70 0.80
CA MET B 468 -4.68 35.33 -0.40
CA MET B 468 -4.68 35.33 -0.40
C MET B 468 -6.17 35.05 -0.58
C MET B 468 -6.17 35.05 -0.57
N ASP B 469 -6.61 33.84 -0.22
CA ASP B 469 -8.04 33.53 -0.30
C ASP B 469 -8.85 34.42 0.64
N ASN B 470 -8.23 34.91 1.70
CA ASN B 470 -8.87 35.84 2.61
C ASN B 470 -8.63 37.30 2.24
N GLY B 471 -8.12 37.56 1.03
CA GLY B 471 -7.96 38.91 0.54
C GLY B 471 -6.64 39.57 0.87
N GLU B 472 -5.71 38.86 1.48
CA GLU B 472 -4.43 39.44 1.82
C GLU B 472 -3.48 39.35 0.63
N PRO B 473 -2.48 40.22 0.57
CA PRO B 473 -1.56 40.20 -0.57
C PRO B 473 -0.63 39.00 -0.51
N LEU B 474 -0.15 38.62 -1.69
CA LEU B 474 1.00 37.73 -1.75
C LEU B 474 2.16 38.42 -1.04
N PRO B 475 2.80 37.77 -0.07
CA PRO B 475 3.84 38.44 0.71
C PRO B 475 4.99 38.92 -0.17
N GLU B 476 5.57 40.04 0.27
CA GLU B 476 6.71 40.62 -0.44
C GLU B 476 7.82 39.61 -0.65
N TYR B 477 8.05 38.71 0.32
CA TYR B 477 9.16 37.79 0.18
C TYR B 477 8.92 36.71 -0.87
N MET B 478 7.71 36.62 -1.43
CA MET B 478 7.48 35.73 -2.57
C MET B 478 7.73 36.43 -3.89
N LYS B 479 8.07 37.72 -3.87
CA LYS B 479 8.14 38.53 -5.08
C LYS B 479 9.54 39.07 -5.38
N THR B 480 10.52 38.85 -4.51
CA THR B 480 11.82 39.48 -4.65
C THR B 480 12.92 38.56 -5.17
N SER B 481 12.81 37.26 -4.94
CA SER B 481 13.88 36.31 -5.15
C SER B 481 13.34 35.01 -5.71
N PRO B 482 14.19 34.18 -6.32
CA PRO B 482 13.77 32.81 -6.61
C PRO B 482 13.31 32.12 -5.33
N ILE B 483 12.30 31.27 -5.46
N ILE B 483 12.32 31.24 -5.47
CA ILE B 483 11.76 30.50 -4.34
CA ILE B 483 11.77 30.51 -4.34
C ILE B 483 12.41 29.12 -4.34
C ILE B 483 12.39 29.12 -4.33
N TYR B 484 13.18 28.84 -3.29
CA TYR B 484 13.83 27.54 -3.12
C TYR B 484 12.93 26.67 -2.26
N TYR B 485 12.46 25.54 -2.81
CA TYR B 485 11.68 24.61 -2.01
C TYR B 485 12.65 23.77 -1.19
N ALA B 486 12.71 24.00 0.12
CA ALA B 486 13.65 23.26 0.96
C ALA B 486 13.30 23.44 2.43
N GLY B 487 13.80 22.50 3.24
CA GLY B 487 13.75 22.59 4.68
C GLY B 487 15.04 22.09 5.28
N PRO B 488 15.74 22.94 6.03
CA PRO B 488 17.08 22.59 6.48
C PRO B 488 17.10 21.63 7.67
N ALA B 489 18.17 20.83 7.73
CA ALA B 489 18.50 20.14 8.97
C ALA B 489 19.16 21.12 9.94
N LYS B 490 19.39 20.66 11.16
CA LYS B 490 19.89 21.54 12.22
C LYS B 490 21.32 22.00 11.92
N THR B 491 21.64 23.21 12.36
CA THR B 491 22.94 23.80 12.04
C THR B 491 24.01 23.33 13.02
N PRO B 492 25.09 22.72 12.55
CA PRO B 492 26.19 22.38 13.46
C PRO B 492 26.83 23.62 14.05
N GLU B 493 27.29 23.49 15.29
CA GLU B 493 27.99 24.59 15.95
C GLU B 493 29.13 25.08 15.07
N GLY B 494 29.18 26.40 14.86
CA GLY B 494 30.22 26.99 14.04
C GLY B 494 30.01 26.93 12.55
N TYR B 495 28.92 26.33 12.09
CA TYR B 495 28.61 26.25 10.67
C TYR B 495 27.58 27.31 10.29
N ALA B 496 27.63 27.76 9.04
CA ALA B 496 26.63 28.71 8.56
C ALA B 496 25.29 28.04 8.34
N SER B 497 25.29 26.75 8.02
CA SER B 497 24.06 26.06 7.62
C SER B 497 24.21 24.58 7.92
N GLY B 498 23.12 23.95 8.32
CA GLY B 498 23.02 22.52 8.27
C GLY B 498 22.77 22.05 6.84
N SER B 499 22.70 20.74 6.67
CA SER B 499 22.40 20.19 5.35
C SER B 499 21.10 20.79 4.83
N PHE B 500 21.08 21.13 3.53
CA PHE B 500 20.05 22.05 3.05
C PHE B 500 19.83 21.90 1.55
N GLY B 501 19.57 20.67 1.10
CA GLY B 501 19.22 20.43 -0.29
C GLY B 501 17.74 20.60 -0.57
N PRO B 502 17.33 20.39 -1.82
CA PRO B 502 15.98 20.75 -2.24
C PRO B 502 14.93 19.69 -1.93
N THR B 503 13.69 20.18 -1.94
N THR B 503 13.69 20.13 -1.85
CA THR B 503 12.41 19.50 -1.76
CA THR B 503 12.62 19.15 -1.75
C THR B 503 11.79 19.19 -3.12
C THR B 503 11.96 19.00 -3.13
N THR B 504 10.94 18.16 -3.18
CA THR B 504 10.32 17.75 -4.44
C THR B 504 9.38 18.82 -4.97
N ALA B 505 9.65 19.29 -6.19
CA ALA B 505 8.92 20.44 -6.75
C ALA B 505 7.45 20.12 -7.02
N GLY B 506 7.14 18.89 -7.43
CA GLY B 506 5.78 18.60 -7.88
C GLY B 506 4.72 18.84 -6.84
N ARG B 507 5.07 18.74 -5.56
CA ARG B 507 4.10 18.93 -4.49
C ARG B 507 3.62 20.37 -4.39
N MET B 508 4.33 21.30 -5.01
CA MET B 508 3.95 22.70 -5.01
C MET B 508 3.28 23.14 -6.31
N ASP B 509 3.04 22.20 -7.24
CA ASP B 509 2.55 22.56 -8.57
C ASP B 509 1.25 23.33 -8.53
N SER B 510 0.35 22.99 -7.59
CA SER B 510 -0.96 23.61 -7.55
C SER B 510 -0.91 25.08 -7.15
N TYR B 511 0.24 25.58 -6.71
CA TYR B 511 0.38 26.97 -6.29
C TYR B 511 0.99 27.87 -7.36
N VAL B 512 1.62 27.32 -8.39
CA VAL B 512 2.49 28.14 -9.24
C VAL B 512 1.67 29.13 -10.07
N ASP B 513 0.66 28.64 -10.81
CA ASP B 513 -0.14 29.57 -11.60
C ASP B 513 -0.78 30.63 -10.71
N LEU B 514 -1.31 30.22 -9.56
CA LEU B 514 -1.96 31.17 -8.66
C LEU B 514 -0.99 32.25 -8.20
N PHE B 515 0.18 31.85 -7.72
CA PHE B 515 1.13 32.84 -7.20
C PHE B 515 1.66 33.73 -8.32
N GLN B 516 1.93 33.15 -9.49
CA GLN B 516 2.39 33.95 -10.62
C GLN B 516 1.32 34.93 -11.09
N SER B 517 0.06 34.50 -11.08
N SER B 517 0.06 34.51 -11.09
N SER B 517 0.06 34.50 -11.09
CA SER B 517 -1.04 35.40 -11.41
CA SER B 517 -1.02 35.42 -11.44
CA SER B 517 -1.03 35.42 -11.43
C SER B 517 -1.14 36.56 -10.44
C SER B 517 -1.17 36.55 -10.43
C SER B 517 -1.13 36.57 -10.45
N HIS B 518 -0.57 36.42 -9.25
CA HIS B 518 -0.59 37.45 -8.23
C HIS B 518 0.80 38.08 -8.03
N GLY B 519 1.69 37.89 -9.00
CA GLY B 519 2.91 38.68 -9.07
C GLY B 519 4.13 38.10 -8.41
N GLY B 520 4.15 36.80 -8.10
CA GLY B 520 5.28 36.21 -7.42
C GLY B 520 5.55 34.79 -7.87
N SER B 521 6.57 34.20 -7.27
CA SER B 521 7.00 32.84 -7.59
C SER B 521 7.32 32.67 -9.06
N TYR B 522 7.86 33.73 -9.69
CA TYR B 522 8.23 33.66 -11.10
C TYR B 522 9.39 32.71 -11.34
N ILE B 523 10.29 32.56 -10.37
CA ILE B 523 11.42 31.63 -10.48
C ILE B 523 11.37 30.71 -9.28
N THR B 524 11.30 29.40 -9.53
CA THR B 524 11.34 28.42 -8.47
C THR B 524 12.55 27.51 -8.66
N LEU B 525 13.04 26.97 -7.55
CA LEU B 525 14.26 26.17 -7.51
C LEU B 525 14.00 24.99 -6.60
N ALA B 526 14.12 23.78 -7.15
CA ALA B 526 13.84 22.56 -6.39
C ALA B 526 14.37 21.36 -7.16
N LYS B 527 13.84 20.17 -6.90
CA LYS B 527 14.23 19.00 -7.67
C LYS B 527 12.99 18.21 -8.09
N GLY B 528 13.11 17.54 -9.23
CA GLY B 528 12.06 16.70 -9.74
C GLY B 528 11.34 17.32 -10.93
N ASN B 529 10.79 16.45 -11.78
CA ASN B 529 9.96 16.90 -12.89
C ASN B 529 8.61 17.37 -12.37
N ARG B 530 7.98 18.29 -13.11
CA ARG B 530 6.74 18.91 -12.68
C ARG B 530 5.64 18.69 -13.71
N SER B 531 4.41 18.97 -13.31
CA SER B 531 3.27 18.68 -14.17
C SER B 531 3.10 19.77 -15.23
N LYS B 532 2.24 19.45 -16.22
CA LYS B 532 2.05 20.34 -17.36
C LYS B 532 1.51 21.71 -16.94
N GLN B 533 0.73 21.77 -15.86
CA GLN B 533 0.20 23.05 -15.40
C GLN B 533 1.31 24.04 -15.07
N VAL B 534 2.47 23.55 -14.63
CA VAL B 534 3.58 24.45 -14.32
C VAL B 534 4.24 24.96 -15.60
N THR B 535 4.42 24.08 -16.60
CA THR B 535 4.91 24.53 -17.90
C THR B 535 4.00 25.61 -18.47
N ASP B 536 2.68 25.36 -18.42
CA ASP B 536 1.74 26.33 -18.95
C ASP B 536 1.80 27.65 -18.18
N ALA B 537 1.93 27.57 -16.85
CA ALA B 537 1.99 28.79 -16.04
C ALA B 537 3.23 29.60 -16.39
N CYS B 538 4.39 28.95 -16.46
CA CYS B 538 5.61 29.68 -16.77
C CYS B 538 5.57 30.32 -18.15
N LYS B 539 4.90 29.67 -19.11
CA LYS B 539 4.76 30.29 -20.43
C LYS B 539 3.81 31.49 -20.37
N LYS B 540 2.72 31.37 -19.62
CA LYS B 540 1.74 32.44 -19.54
C LYS B 540 2.29 33.66 -18.80
N HIS B 541 3.05 33.43 -17.73
CA HIS B 541 3.43 34.51 -16.83
C HIS B 541 4.91 34.89 -16.92
N GLY B 542 5.66 34.28 -17.83
CA GLY B 542 7.08 34.56 -17.94
C GLY B 542 7.88 34.05 -16.75
N GLY B 543 7.70 32.78 -16.40
CA GLY B 543 8.36 32.18 -15.27
C GLY B 543 9.37 31.10 -15.68
N PHE B 544 10.06 30.57 -14.66
CA PHE B 544 11.10 29.57 -14.85
C PHE B 544 11.08 28.61 -13.67
N TYR B 545 11.39 27.35 -13.94
CA TYR B 545 11.66 26.37 -12.90
C TYR B 545 13.08 25.87 -13.08
N LEU B 546 13.90 26.04 -12.03
CA LEU B 546 15.28 25.60 -12.03
C LEU B 546 15.41 24.34 -11.21
N GLY B 547 16.06 23.33 -11.79
CA GLY B 547 16.27 22.08 -11.09
C GLY B 547 17.64 22.00 -10.45
N SER B 548 17.67 22.04 -9.13
CA SER B 548 18.88 21.69 -8.39
C SER B 548 19.14 20.19 -8.52
N ILE B 549 20.41 19.80 -8.39
N ILE B 549 20.41 19.81 -8.40
CA ILE B 549 20.69 18.39 -8.17
CA ILE B 549 20.71 18.41 -8.15
C ILE B 549 20.01 17.96 -6.88
C ILE B 549 19.97 17.98 -6.89
N GLY B 550 19.38 16.79 -6.93
CA GLY B 550 18.63 16.27 -5.79
C GLY B 550 19.52 15.36 -4.98
N GLY B 551 19.57 15.60 -3.67
CA GLY B 551 20.36 14.76 -2.80
C GLY B 551 21.63 15.34 -2.15
N PRO B 552 22.38 16.28 -2.82
CA PRO B 552 23.70 16.66 -2.29
C PRO B 552 23.63 17.75 -1.24
N ALA B 553 22.93 17.45 -0.13
CA ALA B 553 22.58 18.48 0.84
C ALA B 553 23.77 18.95 1.66
N ALA B 554 24.73 18.07 1.93
CA ALA B 554 25.86 18.44 2.77
C ALA B 554 26.86 19.32 2.01
N ILE B 555 27.12 18.99 0.75
CA ILE B 555 28.06 19.81 -0.03
C ILE B 555 27.44 21.14 -0.40
N LEU B 556 26.13 21.18 -0.65
CA LEU B 556 25.46 22.45 -0.85
C LEU B 556 25.61 23.34 0.38
N ALA B 557 25.39 22.78 1.56
CA ALA B 557 25.52 23.55 2.79
C ALA B 557 26.97 23.99 3.01
N LYS B 558 27.91 23.06 2.81
CA LYS B 558 29.30 23.36 3.10
C LYS B 558 29.86 24.42 2.14
N ASP B 559 29.49 24.34 0.86
CA ASP B 559 30.14 25.14 -0.17
C ASP B 559 29.31 26.33 -0.65
N SER B 560 27.99 26.25 -0.64
CA SER B 560 27.16 27.26 -1.28
C SER B 560 26.39 28.17 -0.34
N ILE B 561 25.94 27.68 0.81
CA ILE B 561 25.04 28.44 1.67
C ILE B 561 25.85 29.20 2.71
N LYS B 562 25.76 30.54 2.69
CA LYS B 562 26.61 31.40 3.50
C LYS B 562 25.90 32.03 4.69
N GLN B 563 24.58 32.20 4.63
CA GLN B 563 23.79 32.82 5.68
C GLN B 563 22.39 32.24 5.65
N VAL B 564 21.84 31.97 6.83
CA VAL B 564 20.49 31.42 6.97
C VAL B 564 19.75 32.23 8.04
N THR B 565 18.55 32.68 7.70
CA THR B 565 17.70 33.42 8.63
C THR B 565 16.27 32.91 8.52
N CYS B 566 15.60 32.76 9.65
CA CYS B 566 14.18 32.42 9.63
C CYS B 566 13.39 33.69 9.36
N LEU B 567 12.57 33.65 8.31
N LEU B 567 12.59 33.67 8.29
CA LEU B 567 11.84 34.80 7.80
CA LEU B 567 11.83 34.84 7.87
C LEU B 567 10.40 34.87 8.31
C LEU B 567 10.41 34.86 8.40
N ALA B 568 9.69 33.75 8.28
CA ALA B 568 8.28 33.72 8.68
C ALA B 568 7.91 32.33 9.15
N PHE B 569 6.82 32.26 9.90
CA PHE B 569 6.25 31.01 10.40
C PHE B 569 7.28 30.16 11.16
N PRO B 570 7.99 30.73 12.13
CA PRO B 570 9.02 29.93 12.84
C PRO B 570 8.46 28.72 13.55
N GLU B 571 7.18 28.73 13.90
CA GLU B 571 6.57 27.58 14.57
C GLU B 571 6.58 26.34 13.69
N LEU B 572 6.79 26.48 12.39
CA LEU B 572 6.79 25.35 11.47
C LEU B 572 8.10 24.57 11.48
N GLY B 573 9.07 24.97 12.28
CA GLY B 573 10.34 24.25 12.32
C GLY B 573 11.05 24.36 10.98
N MET B 574 11.45 23.21 10.44
CA MET B 574 12.15 23.22 9.17
C MET B 574 11.28 23.74 8.03
N GLU B 575 9.96 23.72 8.17
CA GLU B 575 9.04 24.21 7.14
C GLU B 575 8.78 25.70 7.26
N ALA B 576 9.48 26.41 8.13
CA ALA B 576 9.38 27.86 8.15
C ALA B 576 9.84 28.44 6.81
N VAL B 577 9.51 29.70 6.58
CA VAL B 577 10.05 30.46 5.46
C VAL B 577 11.43 30.94 5.87
N TRP B 578 12.44 30.69 5.02
CA TRP B 578 13.81 31.12 5.30
C TRP B 578 14.29 32.12 4.24
N LYS B 579 15.27 32.92 4.64
CA LYS B 579 16.02 33.77 3.72
C LYS B 579 17.48 33.34 3.80
N ILE B 580 18.04 32.89 2.68
CA ILE B 580 19.41 32.42 2.67
C ILE B 580 20.20 33.14 1.59
N GLU B 581 21.50 33.29 1.83
CA GLU B 581 22.42 33.87 0.88
C GLU B 581 23.32 32.75 0.37
N VAL B 582 23.39 32.59 -0.95
CA VAL B 582 24.11 31.48 -1.55
C VAL B 582 25.12 31.99 -2.58
N GLU B 583 26.13 31.16 -2.83
CA GLU B 583 27.15 31.39 -3.85
C GLU B 583 27.38 30.08 -4.60
N ASP B 584 27.58 30.19 -5.91
CA ASP B 584 27.90 29.04 -6.77
C ASP B 584 26.91 27.88 -6.58
N PHE B 585 25.61 28.21 -6.55
CA PHE B 585 24.58 27.21 -6.37
C PHE B 585 24.21 26.63 -7.74
N PRO B 586 24.50 25.35 -8.00
CA PRO B 586 24.25 24.79 -9.34
C PRO B 586 22.80 24.42 -9.57
N ALA B 587 22.36 24.60 -10.82
CA ALA B 587 21.02 24.18 -11.21
C ALA B 587 20.95 24.07 -12.73
N PHE B 588 19.89 23.43 -13.21
CA PHE B 588 19.56 23.35 -14.62
C PHE B 588 18.26 24.11 -14.88
N ILE B 589 18.16 24.77 -16.02
CA ILE B 589 16.87 25.35 -16.41
C ILE B 589 15.98 24.19 -16.88
N VAL B 590 14.95 23.86 -16.10
CA VAL B 590 14.09 22.75 -16.44
C VAL B 590 12.85 23.19 -17.22
N VAL B 591 12.19 24.24 -16.76
CA VAL B 591 11.05 24.85 -17.46
C VAL B 591 11.40 26.30 -17.75
N ASP B 592 11.23 26.72 -19.01
CA ASP B 592 11.52 28.10 -19.37
C ASP B 592 10.21 28.89 -19.47
N ASP B 593 10.29 30.09 -20.04
CA ASP B 593 9.14 30.97 -20.18
C ASP B 593 8.50 30.86 -21.55
N LYS B 594 8.70 29.73 -22.23
CA LYS B 594 8.29 29.59 -23.62
C LYS B 594 7.51 28.30 -23.87
N GLY B 595 7.19 27.52 -22.84
CA GLY B 595 6.49 26.27 -23.00
C GLY B 595 7.37 25.05 -23.07
N ASN B 596 8.67 25.19 -22.85
CA ASN B 596 9.60 24.07 -22.96
C ASN B 596 9.93 23.47 -21.61
N ASP B 597 10.18 22.16 -21.62
CA ASP B 597 10.38 21.36 -20.42
C ASP B 597 11.47 20.35 -20.71
N MET B 598 12.54 20.39 -19.92
CA MET B 598 13.66 19.48 -20.08
C MET B 598 13.24 18.01 -20.05
N TYR B 599 12.11 17.71 -19.42
CA TYR B 599 11.64 16.34 -19.25
C TYR B 599 10.54 15.96 -20.24
N SER B 600 10.25 16.82 -21.22
CA SER B 600 9.11 16.56 -22.09
C SER B 600 9.31 15.35 -22.98
N LYS B 601 10.56 14.99 -23.28
CA LYS B 601 10.79 13.81 -24.11
C LYS B 601 10.86 12.53 -23.29
N THR B 602 11.58 12.55 -22.17
CA THR B 602 11.78 11.32 -21.41
C THR B 602 10.62 10.99 -20.48
N LEU B 603 9.87 11.99 -20.03
CA LEU B 603 8.80 11.77 -19.07
C LEU B 603 7.44 12.19 -19.62
N ALA B 604 7.24 12.06 -20.92
CA ALA B 604 5.96 12.37 -21.55
C ALA B 604 4.91 11.33 -21.17
#